data_6FU2
#
_entry.id   6FU2
#
_cell.length_a   102.720
_cell.length_b   146.200
_cell.length_c   94.510
_cell.angle_alpha   90.000
_cell.angle_beta   102.160
_cell.angle_gamma   90.000
#
_symmetry.space_group_name_H-M   'C 1 2 1'
#
loop_
_entity.id
_entity.type
_entity.pdbx_description
1 polymer 'ATP phosphoribosyltransferase regulatory subunit'
2 polymer 'ATP phosphoribosyltransferase'
3 non-polymer 2-AMINO-2-HYDROXYMETHYL-PROPANE-1,3-DIOL
4 non-polymer 1-O-pyrophosphono-5-O-phosphono-alpha-D-ribofuranose
5 non-polymer "ADENOSINE-5'-TRIPHOSPHATE"
6 non-polymer 'MAGNESIUM ION'
7 water water
#
loop_
_entity_poly.entity_id
_entity_poly.type
_entity_poly.pdbx_seq_one_letter_code
_entity_poly.pdbx_strand_id
1 'polypeptide(L)'
;GMLPDGVADVLFEDAHKQEVLRHQLTQQLITHGYQLVSPPMIEFTESLLSGASEDLKRQTFKIIDQLTGRLMGIRADITP
QILRIDAHHGGDGIARYCYAGDVIHTLPSGLFGSRTPLQLGAEIFGCESIAADIELIDVLFSMINSLDMSAVLHVDLGHV
TIFKRLAELAALSASDTEQLMQLYANKNLPELKQVCQVLPMGSDFYTLARFGHDIANLLGRLSENAQQDTKIVTAIDELQ
RLKAHLQVQWQCAVSIDVTELSGYHYHTGIVFNGYINSETQPLVRGGRFDGMKSNQLATNQPRQATGFSMDVSRLLAHTQ
LDAPFIVLIDYDAFNNLDSAQRQLLLQQVASLRQQGYRVTMPLTAEDMPVGLTHRLSLADNQWRLHAV
;
A,B
2 'polypeptide(L)'
;GMTEVTNSLPTSGLLNEANDEFLGLTLALSKGRILEETMPLLRAAGVELLEDPEASRKLIFPTSNPNVRVLILRASDVPT
YVEHGAADFGVAGKDVLLEHGANHVYELLDLKIAQCKLMTAGVKDAPLPNRRLRIATKYVNVARAYFASQGQQVDVIKLY
GSMELAPLVGLGDLIVDVVDTGNTLRANGLEARDHICDVSSRLIVNQVSYKRKFALLEPILDSFKNSINSTS
;
C,D
#
loop_
_chem_comp.id
_chem_comp.type
_chem_comp.name
_chem_comp.formula
ATP non-polymer ADENOSINE-5'-TRIPHOSPHATE 'C10 H16 N5 O13 P3'
MG non-polymer 'MAGNESIUM ION' 'Mg 2'
PRP D-saccharide 1-O-pyrophosphono-5-O-phosphono-alpha-D-ribofuranose 'C5 H13 O14 P3'
TRS non-polymer 2-AMINO-2-HYDROXYMETHYL-PROPANE-1,3-DIOL 'C4 H12 N O3 1'
#
# COMPACT_ATOMS: atom_id res chain seq x y z
N MET A 2 -24.89 -14.45 -5.74
CA MET A 2 -24.46 -13.06 -5.32
C MET A 2 -22.95 -12.98 -5.11
N LEU A 3 -22.40 -13.90 -4.30
CA LEU A 3 -20.96 -14.11 -4.21
C LEU A 3 -20.51 -15.19 -5.20
N PRO A 4 -19.23 -15.18 -5.62
CA PRO A 4 -18.73 -16.23 -6.49
C PRO A 4 -18.77 -17.61 -5.83
N ASP A 5 -18.60 -18.66 -6.63
CA ASP A 5 -18.55 -20.04 -6.11
C ASP A 5 -17.24 -20.25 -5.34
N GLY A 6 -17.34 -20.87 -4.18
CA GLY A 6 -16.18 -21.05 -3.29
C GLY A 6 -15.74 -19.78 -2.59
N VAL A 7 -16.63 -18.80 -2.49
CA VAL A 7 -16.38 -17.53 -1.80
C VAL A 7 -17.57 -17.28 -0.89
N ALA A 8 -17.32 -17.24 0.42
CA ALA A 8 -18.39 -17.01 1.40
C ALA A 8 -18.01 -16.01 2.46
N ASP A 9 -19.03 -15.34 2.98
CA ASP A 9 -18.90 -14.52 4.19
C ASP A 9 -18.78 -15.46 5.38
N VAL A 10 -17.93 -15.11 6.34
CA VAL A 10 -17.98 -15.69 7.66
C VAL A 10 -18.67 -14.63 8.51
N LEU A 11 -19.88 -14.96 8.98
CA LEU A 11 -20.77 -13.98 9.62
C LEU A 11 -21.07 -14.27 11.08
N PHE A 12 -21.16 -13.19 11.86
CA PHE A 12 -21.78 -13.22 13.19
C PHE A 12 -21.00 -14.09 14.18
N GLU A 13 -21.60 -15.16 14.72
CA GLU A 13 -20.87 -16.00 15.68
C GLU A 13 -19.69 -16.75 15.08
N ASP A 14 -19.80 -17.14 13.83
CA ASP A 14 -18.67 -17.75 13.12
C ASP A 14 -17.52 -16.77 12.99
N ALA A 15 -17.84 -15.51 12.69
CA ALA A 15 -16.83 -14.47 12.61
C ALA A 15 -16.17 -14.26 13.97
N HIS A 16 -16.98 -14.23 15.02
CA HIS A 16 -16.46 -14.17 16.39
C HIS A 16 -15.54 -15.38 16.68
N LYS A 17 -16.06 -16.58 16.41
CA LYS A 17 -15.33 -17.81 16.66
C LYS A 17 -13.99 -17.84 15.91
N GLN A 18 -14.01 -17.43 14.64
CA GLN A 18 -12.81 -17.34 13.81
C GLN A 18 -11.79 -16.36 14.39
N GLU A 19 -12.27 -15.20 14.85
CA GLU A 19 -11.39 -14.21 15.47
C GLU A 19 -10.75 -14.79 16.74
N VAL A 20 -11.54 -15.50 17.54
CA VAL A 20 -11.04 -16.12 18.78
C VAL A 20 -10.03 -17.24 18.47
N LEU A 21 -10.35 -18.15 17.56
CA LEU A 21 -9.39 -19.20 17.16
C LEU A 21 -8.06 -18.61 16.69
N ARG A 22 -8.14 -17.74 15.68
CA ARG A 22 -6.97 -17.09 15.11
C ARG A 22 -6.11 -16.45 16.20
N HIS A 23 -6.74 -15.82 17.17
CA HIS A 23 -6.02 -15.10 18.23
C HIS A 23 -5.39 -16.03 19.28
N GLN A 24 -6.15 -17.05 19.72
CA GLN A 24 -5.62 -18.02 20.69
C GLN A 24 -4.46 -18.80 20.06
N LEU A 25 -4.68 -19.33 18.87
CA LEU A 25 -3.67 -20.09 18.14
C LEU A 25 -2.40 -19.29 17.87
N THR A 26 -2.57 -18.02 17.51
CA THR A 26 -1.43 -17.11 17.33
C THR A 26 -0.67 -16.85 18.65
N GLN A 27 -1.41 -16.68 19.75
CA GLN A 27 -0.78 -16.47 21.06
C GLN A 27 0.00 -17.70 21.55
N GLN A 28 -0.55 -18.89 21.34
CA GLN A 28 0.15 -20.12 21.68
C GLN A 28 1.49 -20.21 20.96
N LEU A 29 1.49 -19.93 19.66
CA LEU A 29 2.72 -19.93 18.87
C LEU A 29 3.72 -18.91 19.40
N ILE A 30 3.26 -17.70 19.65
CA ILE A 30 4.12 -16.63 20.17
C ILE A 30 4.76 -17.01 21.51
N THR A 31 3.97 -17.63 22.39
CA THR A 31 4.46 -18.08 23.69
C THR A 31 5.43 -19.27 23.61
N HIS A 32 5.35 -20.04 22.52
CA HIS A 32 6.33 -21.09 22.24
C HIS A 32 7.61 -20.59 21.56
N GLY A 33 7.81 -19.28 21.52
CA GLY A 33 9.03 -18.69 20.96
C GLY A 33 9.03 -18.43 19.47
N TYR A 34 7.85 -18.48 18.82
CA TYR A 34 7.73 -18.20 17.39
C TYR A 34 7.48 -16.71 17.14
N GLN A 35 8.26 -16.10 16.25
CA GLN A 35 8.13 -14.68 15.93
C GLN A 35 6.98 -14.45 14.97
N LEU A 36 5.99 -13.67 15.39
CA LEU A 36 4.86 -13.34 14.53
C LEU A 36 5.31 -12.43 13.40
N VAL A 37 4.87 -12.77 12.18
CA VAL A 37 5.09 -11.91 11.02
C VAL A 37 3.77 -11.74 10.28
N SER A 38 3.60 -10.56 9.70
CA SER A 38 2.40 -10.19 8.98
C SER A 38 2.83 -9.59 7.63
N PRO A 39 3.22 -10.46 6.68
CA PRO A 39 3.59 -9.98 5.35
C PRO A 39 2.37 -9.53 4.53
N PRO A 40 2.60 -8.73 3.49
CA PRO A 40 1.48 -8.12 2.77
C PRO A 40 0.79 -9.10 1.83
N MET A 41 -0.48 -8.82 1.53
CA MET A 41 -1.28 -9.62 0.60
C MET A 41 -0.70 -9.67 -0.82
N ILE A 42 -0.04 -8.59 -1.23
CA ILE A 42 0.54 -8.48 -2.58
C ILE A 42 2.07 -8.33 -2.53
N GLU A 43 2.73 -8.94 -3.51
CA GLU A 43 4.18 -8.83 -3.72
C GLU A 43 4.45 -8.97 -5.21
N PHE A 44 5.68 -8.65 -5.62
CA PHE A 44 6.13 -9.01 -6.96
C PHE A 44 6.17 -10.54 -7.09
N THR A 45 5.82 -11.03 -8.27
CA THR A 45 5.79 -12.48 -8.56
C THR A 45 7.15 -13.14 -8.41
N GLU A 46 8.21 -12.36 -8.61
CA GLU A 46 9.59 -12.83 -8.46
C GLU A 46 9.78 -13.53 -7.13
N SER A 47 9.54 -12.83 -6.03
CA SER A 47 9.68 -13.41 -4.69
C SER A 47 8.47 -14.24 -4.28
N LEU A 48 7.28 -13.89 -4.78
CA LEU A 48 6.06 -14.57 -4.36
C LEU A 48 5.99 -16.01 -4.85
N LEU A 49 6.35 -16.21 -6.12
CA LEU A 49 6.29 -17.51 -6.79
C LEU A 49 7.66 -18.16 -7.06
N SER A 50 8.73 -17.61 -6.46
CA SER A 50 10.07 -18.21 -6.55
C SER A 50 10.02 -19.68 -6.13
N GLY A 51 10.40 -20.57 -7.05
CA GLY A 51 10.36 -22.02 -6.79
C GLY A 51 8.96 -22.58 -6.60
N ALA A 52 7.97 -21.96 -7.23
CA ALA A 52 6.57 -22.39 -7.10
C ALA A 52 6.29 -23.57 -7.99
N SER A 53 5.45 -24.48 -7.50
CA SER A 53 4.85 -25.52 -8.33
C SER A 53 3.90 -24.86 -9.32
N GLU A 54 3.69 -25.51 -10.47
CA GLU A 54 2.72 -25.03 -11.46
C GLU A 54 1.31 -24.97 -10.86
N ASP A 55 1.03 -25.83 -9.89
CA ASP A 55 -0.21 -25.77 -9.11
C ASP A 55 -0.35 -24.44 -8.37
N LEU A 56 0.72 -24.00 -7.70
CA LEU A 56 0.71 -22.74 -6.94
C LEU A 56 0.53 -21.51 -7.84
N LYS A 57 1.30 -21.43 -8.91
CA LYS A 57 1.21 -20.30 -9.85
C LYS A 57 -0.16 -20.22 -10.54
N ARG A 58 -0.82 -21.36 -10.73
CA ARG A 58 -2.19 -21.39 -11.27
C ARG A 58 -3.19 -20.80 -10.28
N GLN A 59 -3.04 -21.15 -9.01
CA GLN A 59 -3.90 -20.62 -7.94
C GLN A 59 -3.66 -19.13 -7.62
N THR A 60 -2.49 -18.60 -7.99
CA THR A 60 -2.16 -17.19 -7.74
C THR A 60 -2.71 -16.24 -8.81
N PHE A 61 -3.56 -15.29 -8.40
CA PHE A 61 -3.99 -14.19 -9.28
C PHE A 61 -2.85 -13.23 -9.58
N LYS A 62 -2.87 -12.62 -10.77
CA LYS A 62 -1.85 -11.66 -11.20
C LYS A 62 -2.44 -10.28 -11.46
N ILE A 63 -1.66 -9.25 -11.16
CA ILE A 63 -2.06 -7.85 -11.29
C ILE A 63 -0.81 -7.04 -11.60
N ILE A 64 -0.97 -5.86 -12.20
CA ILE A 64 0.16 -5.02 -12.58
C ILE A 64 0.40 -3.95 -11.52
N ASP A 65 1.65 -3.81 -11.08
CA ASP A 65 2.08 -2.65 -10.31
C ASP A 65 2.10 -1.43 -11.25
N GLN A 66 1.21 -0.48 -11.01
CA GLN A 66 1.17 0.77 -11.80
C GLN A 66 2.44 1.61 -11.71
N LEU A 67 3.13 1.55 -10.57
CA LEU A 67 4.37 2.32 -10.36
C LEU A 67 5.57 1.77 -11.15
N THR A 68 5.61 0.47 -11.44
CA THR A 68 6.74 -0.17 -12.16
C THR A 68 6.37 -1.00 -13.39
N GLY A 69 5.09 -1.09 -13.73
CA GLY A 69 4.63 -2.00 -14.78
C GLY A 69 5.09 -3.44 -14.63
N ARG A 70 5.36 -3.86 -13.38
CA ARG A 70 5.80 -5.24 -13.11
C ARG A 70 4.63 -6.07 -12.65
N LEU A 71 4.78 -7.38 -12.79
CA LEU A 71 3.75 -8.32 -12.39
C LEU A 71 3.83 -8.55 -10.87
N MET A 72 2.74 -8.23 -10.19
CA MET A 72 2.54 -8.66 -8.81
C MET A 72 1.54 -9.80 -8.80
N GLY A 73 1.36 -10.40 -7.62
CA GLY A 73 0.30 -11.38 -7.40
C GLY A 73 -0.36 -11.23 -6.04
N ILE A 74 -1.61 -11.69 -5.95
CA ILE A 74 -2.29 -11.82 -4.66
C ILE A 74 -1.93 -13.21 -4.15
N ARG A 75 -1.30 -13.25 -2.99
CA ARG A 75 -0.74 -14.49 -2.46
C ARG A 75 -1.78 -15.62 -2.36
N ALA A 76 -1.38 -16.79 -2.86
CA ALA A 76 -2.11 -18.05 -2.65
C ALA A 76 -1.53 -18.86 -1.49
N ASP A 77 -0.29 -18.56 -1.10
CA ASP A 77 0.42 -19.21 0.00
C ASP A 77 1.35 -18.19 0.68
N ILE A 78 1.34 -18.16 2.01
CA ILE A 78 2.21 -17.25 2.78
C ILE A 78 3.65 -17.77 2.93
N THR A 79 3.85 -19.09 2.82
CA THR A 79 5.14 -19.74 3.06
C THR A 79 6.36 -19.14 2.30
N PRO A 80 6.22 -18.86 0.99
CA PRO A 80 7.31 -18.16 0.27
C PRO A 80 7.71 -16.81 0.89
N GLN A 81 6.74 -16.11 1.46
CA GLN A 81 7.00 -14.79 2.07
C GLN A 81 7.84 -14.96 3.33
N ILE A 82 7.67 -16.09 4.02
CA ILE A 82 8.46 -16.38 5.23
C ILE A 82 9.92 -16.66 4.83
N LEU A 83 10.13 -17.41 3.75
CA LEU A 83 11.46 -17.59 3.12
C LEU A 83 12.15 -16.26 2.87
N ARG A 84 11.44 -15.35 2.21
CA ARG A 84 11.96 -14.01 1.91
C ARG A 84 12.38 -13.31 3.20
N ILE A 85 11.46 -13.28 4.16
CA ILE A 85 11.68 -12.61 5.46
C ILE A 85 12.88 -13.21 6.19
N ASP A 86 12.96 -14.54 6.24
CA ASP A 86 14.09 -15.23 6.86
C ASP A 86 15.41 -14.92 6.15
N ALA A 87 15.39 -14.78 4.84
CA ALA A 87 16.60 -14.45 4.08
C ALA A 87 17.21 -13.09 4.45
N HIS A 88 16.35 -12.15 4.84
CA HIS A 88 16.76 -10.79 5.19
C HIS A 88 16.94 -10.56 6.69
N HIS A 89 16.19 -11.28 7.52
CA HIS A 89 16.22 -11.07 8.99
C HIS A 89 16.70 -12.27 9.83
N GLY A 90 16.82 -13.44 9.24
CA GLY A 90 16.99 -14.68 10.00
C GLY A 90 18.37 -15.00 10.53
N GLY A 91 19.41 -14.52 9.86
CA GLY A 91 20.78 -14.90 10.21
C GLY A 91 21.06 -16.37 9.92
N ASP A 92 22.19 -16.87 10.41
CA ASP A 92 22.63 -18.24 10.15
C ASP A 92 22.19 -19.24 11.20
N GLY A 93 21.86 -18.75 12.40
CA GLY A 93 21.36 -19.58 13.47
C GLY A 93 19.91 -20.01 13.27
N ILE A 94 19.34 -20.57 14.32
CA ILE A 94 17.96 -21.05 14.32
C ILE A 94 17.01 -19.84 14.39
N ALA A 95 15.91 -19.92 13.65
CA ALA A 95 14.89 -18.87 13.61
C ALA A 95 13.51 -19.51 13.53
N ARG A 96 12.56 -18.97 14.31
CA ARG A 96 11.21 -19.48 14.37
C ARG A 96 10.25 -18.38 13.97
N TYR A 97 9.32 -18.71 13.10
CA TYR A 97 8.35 -17.75 12.58
C TYR A 97 6.94 -18.31 12.70
N CYS A 98 5.96 -17.46 12.95
CA CYS A 98 4.56 -17.83 12.79
C CYS A 98 3.80 -16.71 12.09
N TYR A 99 2.63 -17.06 11.58
CA TYR A 99 1.85 -16.15 10.76
C TYR A 99 0.40 -16.60 10.72
N ALA A 100 -0.47 -15.64 10.44
CA ALA A 100 -1.86 -15.90 10.16
C ALA A 100 -2.35 -14.81 9.22
N GLY A 101 -3.00 -15.20 8.13
CA GLY A 101 -3.40 -14.25 7.12
C GLY A 101 -4.25 -14.90 6.05
N ASP A 102 -5.04 -14.09 5.37
CA ASP A 102 -5.87 -14.53 4.26
C ASP A 102 -5.01 -14.79 3.05
N VAL A 103 -5.36 -15.83 2.30
CA VAL A 103 -4.76 -16.11 0.99
C VAL A 103 -5.88 -16.34 0.00
N ILE A 104 -5.61 -16.07 -1.28
CA ILE A 104 -6.63 -16.13 -2.32
C ILE A 104 -6.23 -17.13 -3.40
N HIS A 105 -7.16 -18.00 -3.76
CA HIS A 105 -6.98 -19.01 -4.81
C HIS A 105 -7.92 -18.75 -5.96
N THR A 106 -7.45 -18.98 -7.19
CA THR A 106 -8.27 -18.80 -8.39
C THR A 106 -9.40 -19.83 -8.47
N LEU A 107 -9.08 -21.09 -8.20
CA LEU A 107 -10.03 -22.20 -8.18
C LEU A 107 -10.22 -22.70 -6.75
N PRO A 108 -11.42 -23.19 -6.40
CA PRO A 108 -11.56 -23.93 -5.14
C PRO A 108 -10.72 -25.20 -5.15
N SER A 109 -10.08 -25.51 -4.03
CA SER A 109 -9.10 -26.60 -3.95
C SER A 109 -9.79 -27.98 -3.89
N GLY A 110 -10.93 -28.06 -3.22
CA GLY A 110 -11.68 -29.32 -3.11
C GLY A 110 -13.17 -29.12 -3.22
N LEU A 111 -13.92 -30.21 -3.13
CA LEU A 111 -15.40 -30.18 -3.16
C LEU A 111 -15.96 -29.29 -2.05
N PHE A 112 -16.77 -28.31 -2.44
CA PHE A 112 -17.24 -27.25 -1.53
C PHE A 112 -16.08 -26.46 -0.89
N GLY A 113 -14.99 -26.31 -1.62
CA GLY A 113 -13.79 -25.65 -1.12
C GLY A 113 -13.92 -24.15 -1.06
N SER A 114 -12.97 -23.52 -0.36
CA SER A 114 -12.95 -22.07 -0.22
C SER A 114 -11.79 -21.49 -1.02
N ARG A 115 -12.09 -20.50 -1.86
CA ARG A 115 -11.09 -19.72 -2.55
C ARG A 115 -10.39 -18.69 -1.65
N THR A 116 -10.97 -18.41 -0.48
CA THR A 116 -10.45 -17.39 0.44
C THR A 116 -10.16 -17.95 1.85
N PRO A 117 -9.25 -18.92 1.96
CA PRO A 117 -8.97 -19.47 3.29
C PRO A 117 -8.10 -18.55 4.14
N LEU A 118 -8.13 -18.79 5.45
CA LEU A 118 -7.31 -18.07 6.41
C LEU A 118 -6.19 -19.01 6.83
N GLN A 119 -5.00 -18.78 6.28
CA GLN A 119 -3.86 -19.68 6.46
C GLN A 119 -3.10 -19.28 7.70
N LEU A 120 -2.83 -20.24 8.56
CA LEU A 120 -2.07 -20.02 9.80
C LEU A 120 -0.99 -21.07 9.91
N GLY A 121 0.23 -20.66 10.20
CA GLY A 121 1.36 -21.59 10.20
C GLY A 121 2.55 -21.20 11.05
N ALA A 122 3.49 -22.13 11.14
CA ALA A 122 4.72 -21.96 11.89
C ALA A 122 5.87 -22.64 11.16
N GLU A 123 7.06 -22.07 11.25
CA GLU A 123 8.23 -22.60 10.55
C GLU A 123 9.50 -22.43 11.37
N ILE A 124 10.39 -23.42 11.31
CA ILE A 124 11.70 -23.33 11.95
C ILE A 124 12.75 -23.40 10.85
N PHE A 125 13.68 -22.45 10.87
CA PHE A 125 14.78 -22.37 9.92
C PHE A 125 16.09 -22.64 10.66
N GLY A 126 17.07 -23.16 9.93
CA GLY A 126 18.43 -23.32 10.44
C GLY A 126 18.70 -24.47 11.40
N CYS A 127 17.90 -25.53 11.35
CA CYS A 127 18.15 -26.73 12.16
C CYS A 127 18.04 -28.00 11.32
N GLU A 128 19.16 -28.72 11.20
CA GLU A 128 19.22 -30.01 10.49
C GLU A 128 18.44 -31.12 11.18
N SER A 129 18.51 -31.14 12.52
CA SER A 129 17.97 -32.23 13.33
C SER A 129 16.48 -32.51 13.15
N ILE A 130 16.12 -33.78 13.34
CA ILE A 130 14.72 -34.19 13.43
C ILE A 130 14.03 -33.58 14.66
N ALA A 131 14.82 -33.15 15.65
CA ALA A 131 14.32 -32.40 16.81
C ALA A 131 13.46 -31.19 16.45
N ALA A 132 13.81 -30.48 15.37
CA ALA A 132 12.99 -29.36 14.88
C ALA A 132 11.62 -29.81 14.43
N ASP A 133 11.57 -30.96 13.74
CA ASP A 133 10.31 -31.54 13.30
C ASP A 133 9.48 -32.01 14.49
N ILE A 134 10.12 -32.63 15.48
CA ILE A 134 9.44 -33.06 16.71
C ILE A 134 8.85 -31.86 17.47
N GLU A 135 9.57 -30.74 17.51
CA GLU A 135 9.09 -29.52 18.16
C GLU A 135 7.81 -29.01 17.51
N LEU A 136 7.84 -28.84 16.19
CA LEU A 136 6.67 -28.41 15.41
C LEU A 136 5.47 -29.32 15.55
N ILE A 137 5.69 -30.63 15.64
CA ILE A 137 4.63 -31.60 15.89
C ILE A 137 4.01 -31.32 17.26
N ASP A 138 4.84 -31.09 18.27
CA ASP A 138 4.35 -30.81 19.63
C ASP A 138 3.55 -29.50 19.70
N VAL A 139 4.04 -28.44 19.04
CA VAL A 139 3.32 -27.15 19.03
C VAL A 139 1.97 -27.32 18.36
N LEU A 140 1.98 -27.92 17.18
CA LEU A 140 0.75 -28.20 16.44
C LEU A 140 -0.26 -28.96 17.28
N PHE A 141 0.18 -29.99 17.99
CA PHE A 141 -0.74 -30.86 18.72
C PHE A 141 -1.26 -30.26 20.03
N SER A 142 -0.45 -29.45 20.70
CA SER A 142 -0.95 -28.69 21.84
C SER A 142 -1.94 -27.59 21.39
N MET A 143 -1.69 -26.97 20.24
CA MET A 143 -2.67 -26.07 19.60
C MET A 143 -3.99 -26.79 19.33
N ILE A 144 -3.91 -27.93 18.66
CA ILE A 144 -5.11 -28.72 18.30
C ILE A 144 -5.88 -29.17 19.54
N ASN A 145 -5.16 -29.65 20.57
CA ASN A 145 -5.82 -30.11 21.80
C ASN A 145 -6.46 -28.99 22.60
N SER A 146 -5.89 -27.79 22.57
CA SER A 146 -6.50 -26.63 23.22
C SER A 146 -7.88 -26.28 22.65
N LEU A 147 -8.17 -26.66 21.41
CA LEU A 147 -9.48 -26.40 20.79
C LEU A 147 -10.63 -27.28 21.30
N ASP A 148 -10.32 -28.32 22.08
CA ASP A 148 -11.31 -29.25 22.65
C ASP A 148 -12.36 -29.70 21.63
N MET A 149 -11.87 -30.22 20.50
CA MET A 149 -12.74 -30.72 19.44
C MET A 149 -13.16 -32.16 19.71
N SER A 150 -14.32 -32.53 19.18
CA SER A 150 -14.78 -33.92 19.21
C SER A 150 -14.22 -34.67 18.00
N ALA A 151 -14.08 -33.97 16.87
CA ALA A 151 -13.45 -34.54 15.66
C ALA A 151 -11.99 -34.87 15.92
N VAL A 152 -11.47 -35.84 15.16
CA VAL A 152 -10.14 -36.40 15.41
C VAL A 152 -9.22 -36.17 14.22
N LEU A 153 -7.96 -35.87 14.52
CA LEU A 153 -6.94 -35.63 13.51
C LEU A 153 -6.15 -36.93 13.29
N HIS A 154 -6.13 -37.41 12.05
CA HIS A 154 -5.28 -38.56 11.66
C HIS A 154 -4.13 -38.04 10.81
N VAL A 155 -2.92 -38.50 11.15
CA VAL A 155 -1.69 -38.02 10.50
C VAL A 155 -1.17 -39.03 9.48
N ASP A 156 -0.94 -38.57 8.25
CA ASP A 156 -0.20 -39.31 7.24
C ASP A 156 1.21 -38.77 7.17
N LEU A 157 2.20 -39.63 7.34
CA LEU A 157 3.62 -39.28 7.13
C LEU A 157 4.14 -39.86 5.83
N GLY A 158 4.96 -39.08 5.15
CA GLY A 158 5.66 -39.52 3.95
C GLY A 158 7.07 -39.00 3.98
N HIS A 159 7.81 -39.24 2.91
CA HIS A 159 9.23 -38.87 2.85
C HIS A 159 9.69 -39.02 1.41
N VAL A 160 9.85 -37.89 0.72
CA VAL A 160 10.14 -37.91 -0.71
C VAL A 160 11.57 -38.36 -1.03
N THR A 161 12.46 -38.29 -0.04
CA THR A 161 13.82 -38.79 -0.19
C THR A 161 13.91 -40.27 -0.60
N ILE A 162 13.02 -41.10 -0.09
CA ILE A 162 13.03 -42.54 -0.42
C ILE A 162 12.87 -42.73 -1.94
N PHE A 163 11.75 -42.27 -2.49
CA PHE A 163 11.53 -42.32 -3.94
C PHE A 163 12.60 -41.58 -4.75
N LYS A 164 13.01 -40.41 -4.27
CA LYS A 164 14.00 -39.59 -4.98
C LYS A 164 15.33 -40.31 -5.12
N ARG A 165 15.77 -40.96 -4.03
CA ARG A 165 16.99 -41.77 -4.05
C ARG A 165 16.91 -42.98 -4.97
N LEU A 166 15.79 -43.70 -4.91
CA LEU A 166 15.56 -44.83 -5.81
C LEU A 166 15.60 -44.36 -7.26
N ALA A 167 14.96 -43.24 -7.57
CA ALA A 167 14.91 -42.72 -8.94
C ALA A 167 16.28 -42.33 -9.50
N GLU A 168 17.18 -41.80 -8.66
CA GLU A 168 18.55 -41.49 -9.13
C GLU A 168 19.42 -42.74 -9.28
N LEU A 169 19.27 -43.68 -8.34
CA LEU A 169 19.95 -44.99 -8.38
C LEU A 169 19.49 -45.85 -9.57
N ALA A 170 18.19 -45.87 -9.82
CA ALA A 170 17.64 -46.54 -11.02
C ALA A 170 17.95 -45.80 -12.32
N ALA A 171 18.41 -44.54 -12.21
CA ALA A 171 18.72 -43.68 -13.36
C ALA A 171 17.50 -43.44 -14.26
N LEU A 172 16.34 -43.24 -13.63
CA LEU A 172 15.08 -43.05 -14.36
C LEU A 172 15.09 -41.74 -15.13
N SER A 173 14.40 -41.73 -16.27
CA SER A 173 14.21 -40.50 -17.04
C SER A 173 13.12 -39.66 -16.41
N ALA A 174 12.94 -38.45 -16.92
CA ALA A 174 11.82 -37.58 -16.50
C ALA A 174 10.49 -38.21 -16.88
N SER A 175 10.45 -38.84 -18.06
CA SER A 175 9.31 -39.64 -18.54
C SER A 175 8.88 -40.71 -17.54
N ASP A 176 9.85 -41.47 -17.05
CA ASP A 176 9.59 -42.57 -16.10
C ASP A 176 9.10 -42.05 -14.75
N THR A 177 9.82 -41.07 -14.21
CA THR A 177 9.50 -40.43 -12.94
C THR A 177 8.06 -39.91 -12.93
N GLU A 178 7.66 -39.23 -14.01
CA GLU A 178 6.31 -38.68 -14.15
C GLU A 178 5.22 -39.74 -14.22
N GLN A 179 5.49 -40.82 -14.96
CA GLN A 179 4.50 -41.90 -15.09
C GLN A 179 4.32 -42.61 -13.76
N LEU A 180 5.43 -42.86 -13.05
CA LEU A 180 5.38 -43.45 -11.71
C LEU A 180 4.57 -42.60 -10.74
N MET A 181 4.89 -41.31 -10.67
CA MET A 181 4.20 -40.39 -9.77
C MET A 181 2.69 -40.36 -10.00
N GLN A 182 2.28 -40.39 -11.27
CA GLN A 182 0.86 -40.39 -11.59
C GLN A 182 0.17 -41.73 -11.29
N LEU A 183 0.91 -42.83 -11.46
CA LEU A 183 0.44 -44.15 -11.02
C LEU A 183 0.34 -44.25 -9.49
N TYR A 184 1.34 -43.70 -8.81
CA TYR A 184 1.34 -43.60 -7.34
C TYR A 184 0.18 -42.77 -6.82
N ALA A 185 -0.06 -41.60 -7.42
CA ALA A 185 -1.16 -40.74 -7.00
C ALA A 185 -2.55 -41.41 -7.17
N ASN A 186 -2.67 -42.33 -8.13
CA ASN A 186 -3.89 -43.12 -8.32
C ASN A 186 -3.88 -44.52 -7.69
N LYS A 187 -2.83 -44.83 -6.94
CA LYS A 187 -2.49 -46.20 -6.50
C LYS A 187 -2.97 -47.31 -7.43
N ASN A 188 -2.59 -47.14 -8.70
CA ASN A 188 -2.92 -48.07 -9.76
C ASN A 188 -1.92 -49.24 -9.71
N LEU A 189 -2.18 -50.18 -8.81
CA LEU A 189 -1.26 -51.28 -8.51
C LEU A 189 -1.04 -52.25 -9.67
N PRO A 190 -2.11 -52.65 -10.40
CA PRO A 190 -1.92 -53.54 -11.56
C PRO A 190 -1.04 -52.96 -12.67
N GLU A 191 -1.32 -51.71 -13.05
CA GLU A 191 -0.55 -51.04 -14.09
C GLU A 191 0.86 -50.67 -13.62
N LEU A 192 1.03 -50.46 -12.31
CA LEU A 192 2.35 -50.24 -11.71
C LEU A 192 3.20 -51.49 -11.82
N LYS A 193 2.58 -52.65 -11.51
CA LYS A 193 3.22 -53.96 -11.68
C LYS A 193 3.78 -54.14 -13.09
N GLN A 194 2.96 -53.82 -14.09
CA GLN A 194 3.35 -53.94 -15.50
C GLN A 194 4.54 -53.05 -15.84
N VAL A 195 4.41 -51.76 -15.53
CA VAL A 195 5.47 -50.77 -15.77
C VAL A 195 6.79 -51.15 -15.07
N CYS A 196 6.68 -51.68 -13.85
CA CYS A 196 7.86 -51.98 -13.04
C CYS A 196 8.66 -53.19 -13.52
N GLN A 197 8.04 -54.08 -14.28
CA GLN A 197 8.79 -55.18 -14.91
C GLN A 197 9.82 -54.71 -15.94
N VAL A 198 9.54 -53.58 -16.58
CA VAL A 198 10.45 -52.99 -17.59
C VAL A 198 11.25 -51.75 -17.12
N LEU A 199 11.46 -51.61 -15.81
CA LEU A 199 12.20 -50.47 -15.23
C LEU A 199 13.37 -50.93 -14.37
N PRO A 200 14.52 -50.21 -14.42
CA PRO A 200 15.63 -50.53 -13.51
C PRO A 200 15.23 -50.39 -12.03
N MET A 201 15.59 -51.37 -11.21
CA MET A 201 15.16 -51.45 -9.80
C MET A 201 13.63 -51.35 -9.69
N GLY A 202 12.93 -51.88 -10.69
CA GLY A 202 11.48 -51.74 -10.80
C GLY A 202 10.70 -52.34 -9.66
N SER A 203 11.22 -53.41 -9.07
CA SER A 203 10.57 -54.07 -7.94
C SER A 203 10.56 -53.19 -6.69
N ASP A 204 11.59 -52.34 -6.52
CA ASP A 204 11.61 -51.36 -5.43
C ASP A 204 10.48 -50.32 -5.55
N PHE A 205 10.26 -49.82 -6.77
CA PHE A 205 9.17 -48.87 -7.05
C PHE A 205 7.79 -49.47 -6.82
N TYR A 206 7.63 -50.75 -7.16
CA TYR A 206 6.41 -51.48 -6.83
C TYR A 206 6.24 -51.65 -5.32
N THR A 207 7.32 -52.03 -4.65
CA THR A 207 7.33 -52.24 -3.19
C THR A 207 6.87 -51.01 -2.40
N LEU A 208 7.33 -49.81 -2.81
CA LEU A 208 6.89 -48.57 -2.19
C LEU A 208 5.37 -48.45 -2.18
N ALA A 209 4.75 -48.67 -3.33
CA ALA A 209 3.29 -48.60 -3.44
C ALA A 209 2.61 -49.69 -2.65
N ARG A 210 3.05 -50.93 -2.86
CA ARG A 210 2.38 -52.10 -2.30
C ARG A 210 2.61 -52.27 -0.80
N PHE A 211 3.81 -51.94 -0.31
CA PHE A 211 4.21 -52.18 1.08
C PHE A 211 4.76 -50.96 1.84
N GLY A 212 4.58 -49.75 1.29
CA GLY A 212 5.07 -48.52 1.93
C GLY A 212 4.38 -48.16 3.24
N HIS A 213 3.12 -48.56 3.39
CA HIS A 213 2.40 -48.40 4.65
C HIS A 213 3.08 -49.06 5.87
N ASP A 214 3.74 -50.20 5.64
CA ASP A 214 4.44 -50.96 6.68
C ASP A 214 5.90 -50.49 6.78
N ILE A 215 6.10 -49.34 7.43
CA ILE A 215 7.42 -48.71 7.55
C ILE A 215 8.42 -49.54 8.35
N ALA A 216 7.94 -50.31 9.34
CA ALA A 216 8.80 -51.22 10.11
C ALA A 216 9.63 -52.16 9.22
N ASN A 217 8.98 -52.73 8.21
CA ASN A 217 9.55 -53.74 7.32
C ASN A 217 9.96 -53.25 5.95
N LEU A 218 9.79 -51.96 5.67
CA LEU A 218 10.05 -51.44 4.31
C LEU A 218 11.50 -51.66 3.87
N LEU A 219 12.47 -51.42 4.76
CA LEU A 219 13.88 -51.56 4.41
C LEU A 219 14.23 -53.00 4.02
N GLY A 220 13.74 -53.96 4.80
CA GLY A 220 13.91 -55.39 4.51
C GLY A 220 13.29 -55.91 3.22
N ARG A 221 12.27 -55.22 2.71
CA ARG A 221 11.64 -55.56 1.42
C ARG A 221 12.35 -54.97 0.20
N LEU A 222 13.32 -54.09 0.39
CA LEU A 222 13.96 -53.39 -0.74
C LEU A 222 15.20 -54.14 -1.19
N SER A 223 15.64 -53.82 -2.41
CA SER A 223 16.85 -54.42 -3.00
C SER A 223 18.09 -54.12 -2.17
N GLU A 224 19.14 -54.92 -2.35
CA GLU A 224 20.43 -54.68 -1.70
C GLU A 224 21.01 -53.33 -2.10
N ASN A 225 20.79 -52.91 -3.35
CA ASN A 225 21.21 -51.60 -3.86
C ASN A 225 20.63 -50.45 -3.00
N ALA A 226 19.30 -50.51 -2.78
CA ALA A 226 18.61 -49.54 -1.93
C ALA A 226 19.02 -49.65 -0.46
N GLN A 227 19.06 -50.87 0.07
CA GLN A 227 19.43 -51.13 1.47
C GLN A 227 20.79 -50.57 1.90
N GLN A 228 21.73 -50.48 0.95
CA GLN A 228 23.06 -49.94 1.24
C GLN A 228 23.11 -48.41 1.14
N ASP A 229 22.16 -47.81 0.43
CA ASP A 229 22.11 -46.37 0.27
C ASP A 229 21.80 -45.66 1.59
N THR A 230 22.75 -44.85 2.04
CA THR A 230 22.70 -44.15 3.32
C THR A 230 21.47 -43.23 3.51
N LYS A 231 21.07 -42.53 2.45
CA LYS A 231 19.96 -41.57 2.52
C LYS A 231 18.58 -42.23 2.67
N ILE A 232 18.36 -43.34 1.95
CA ILE A 232 17.16 -44.16 2.12
C ILE A 232 17.01 -44.68 3.55
N VAL A 233 18.12 -45.15 4.12
CA VAL A 233 18.11 -45.74 5.47
C VAL A 233 17.77 -44.70 6.54
N THR A 234 18.36 -43.52 6.45
CA THR A 234 18.05 -42.40 7.34
C THR A 234 16.58 -41.95 7.21
N ALA A 235 16.10 -41.84 5.98
CA ALA A 235 14.70 -41.42 5.71
C ALA A 235 13.67 -42.37 6.34
N ILE A 236 13.92 -43.67 6.22
CA ILE A 236 13.03 -44.68 6.82
C ILE A 236 13.11 -44.61 8.35
N ASP A 237 14.32 -44.35 8.88
CA ASP A 237 14.52 -44.19 10.31
C ASP A 237 13.80 -42.94 10.86
N GLU A 238 13.88 -41.82 10.14
CA GLU A 238 13.19 -40.59 10.53
C GLU A 238 11.68 -40.79 10.64
N LEU A 239 11.09 -41.49 9.66
CA LEU A 239 9.67 -41.85 9.71
C LEU A 239 9.30 -42.69 10.93
N GLN A 240 10.15 -43.65 11.25
CA GLN A 240 9.93 -44.49 12.43
C GLN A 240 9.96 -43.69 13.74
N ARG A 241 10.95 -42.79 13.86
CA ARG A 241 11.04 -41.91 15.02
C ARG A 241 9.85 -40.95 15.17
N LEU A 242 9.42 -40.32 14.08
CA LEU A 242 8.26 -39.42 14.11
C LEU A 242 6.95 -40.16 14.36
N LYS A 243 6.76 -41.32 13.73
CA LYS A 243 5.60 -42.17 14.00
C LYS A 243 5.54 -42.57 15.48
N ALA A 244 6.69 -42.95 16.03
CA ALA A 244 6.81 -43.34 17.44
C ALA A 244 6.46 -42.17 18.36
N HIS A 245 7.07 -41.02 18.09
CA HIS A 245 6.79 -39.81 18.87
C HIS A 245 5.30 -39.51 18.88
N LEU A 246 4.70 -39.47 17.70
CA LEU A 246 3.27 -39.20 17.55
C LEU A 246 2.39 -40.19 18.32
N GLN A 247 2.75 -41.47 18.30
CA GLN A 247 1.97 -42.50 18.99
C GLN A 247 2.15 -42.45 20.51
N VAL A 248 3.38 -42.30 20.98
CA VAL A 248 3.66 -42.27 22.43
C VAL A 248 3.16 -40.96 23.05
N GLN A 249 3.71 -39.84 22.60
CA GLN A 249 3.47 -38.53 23.21
C GLN A 249 2.03 -38.03 23.05
N TRP A 250 1.45 -38.24 21.87
CA TRP A 250 0.13 -37.67 21.53
C TRP A 250 -0.98 -38.70 21.31
N GLN A 251 -0.68 -39.99 21.47
CA GLN A 251 -1.66 -41.06 21.30
C GLN A 251 -2.40 -40.91 19.98
N CYS A 252 -1.62 -40.70 18.92
CA CYS A 252 -2.12 -40.37 17.59
C CYS A 252 -1.90 -41.54 16.64
N ALA A 253 -2.98 -41.97 15.98
CA ALA A 253 -2.91 -42.99 14.94
C ALA A 253 -2.25 -42.38 13.69
N VAL A 254 -1.08 -42.93 13.35
CA VAL A 254 -0.29 -42.48 12.22
C VAL A 254 -0.28 -43.54 11.13
N SER A 255 -0.52 -43.12 9.88
CA SER A 255 -0.30 -43.95 8.72
C SER A 255 0.91 -43.40 7.98
N ILE A 256 1.52 -44.26 7.17
CA ILE A 256 2.70 -43.91 6.38
C ILE A 256 2.33 -44.05 4.90
N ASP A 257 2.77 -43.12 4.07
CA ASP A 257 2.67 -43.26 2.63
C ASP A 257 3.91 -42.65 1.98
N VAL A 258 4.87 -43.50 1.70
CA VAL A 258 6.11 -43.09 1.03
C VAL A 258 5.90 -42.76 -0.46
N THR A 259 4.75 -43.13 -1.03
CA THR A 259 4.40 -42.71 -2.39
C THR A 259 3.74 -41.33 -2.49
N GLU A 260 3.50 -40.67 -1.35
CA GLU A 260 2.98 -39.29 -1.33
C GLU A 260 4.05 -38.34 -1.83
N LEU A 261 3.91 -37.86 -3.06
CA LEU A 261 4.96 -37.10 -3.74
C LEU A 261 4.49 -35.80 -4.41
N SER A 262 3.30 -35.29 -4.06
CA SER A 262 2.96 -33.91 -4.38
C SER A 262 3.89 -33.06 -3.53
N GLY A 263 4.45 -32.01 -4.11
CA GLY A 263 5.59 -31.30 -3.49
C GLY A 263 6.92 -32.00 -3.71
N TYR A 264 6.99 -32.82 -4.76
CA TYR A 264 8.24 -33.47 -5.19
C TYR A 264 9.34 -32.44 -5.41
N HIS A 265 9.01 -31.36 -6.11
CA HIS A 265 9.96 -30.27 -6.38
C HIS A 265 10.27 -29.39 -5.17
N TYR A 266 9.32 -29.21 -4.24
CA TYR A 266 9.58 -28.32 -3.07
C TYR A 266 9.97 -29.01 -1.76
N HIS A 267 9.35 -30.15 -1.46
CA HIS A 267 9.69 -30.93 -0.25
C HIS A 267 11.06 -31.61 -0.38
N THR A 268 12.06 -31.14 0.36
CA THR A 268 13.33 -31.86 0.46
C THR A 268 13.18 -33.27 1.06
N GLY A 269 12.39 -33.42 2.13
CA GLY A 269 12.36 -34.66 2.87
C GLY A 269 11.01 -35.06 3.39
N ILE A 270 10.87 -34.96 4.70
CA ILE A 270 9.69 -35.48 5.42
C ILE A 270 8.46 -34.65 5.05
N VAL A 271 7.33 -35.32 4.87
CA VAL A 271 6.04 -34.66 4.61
C VAL A 271 5.00 -35.09 5.64
N PHE A 272 4.06 -34.19 5.91
CA PHE A 272 3.06 -34.33 6.96
C PHE A 272 1.71 -33.86 6.41
N ASN A 273 0.66 -34.67 6.56
CA ASN A 273 -0.70 -34.31 6.19
C ASN A 273 -1.65 -34.71 7.31
N GLY A 274 -2.31 -33.72 7.91
CA GLY A 274 -3.28 -33.94 8.97
C GLY A 274 -4.69 -33.87 8.39
N TYR A 275 -5.47 -34.92 8.61
CA TYR A 275 -6.81 -35.06 8.06
C TYR A 275 -7.81 -34.98 9.20
N ILE A 276 -8.84 -34.16 9.03
CA ILE A 276 -9.93 -34.05 10.01
C ILE A 276 -11.05 -35.01 9.61
N ASN A 277 -11.37 -35.96 10.49
CA ASN A 277 -12.39 -36.99 10.23
C ASN A 277 -12.19 -37.72 8.88
N SER A 278 -13.05 -37.47 7.88
CA SER A 278 -12.98 -38.20 6.60
C SER A 278 -12.88 -37.26 5.39
N GLU A 279 -12.42 -36.04 5.62
CA GLU A 279 -12.41 -35.00 4.58
C GLU A 279 -11.18 -35.17 3.70
N THR A 280 -11.38 -35.08 2.39
CA THR A 280 -10.34 -35.39 1.39
C THR A 280 -9.15 -34.45 1.49
N GLN A 281 -9.43 -33.14 1.59
CA GLN A 281 -8.40 -32.13 1.73
C GLN A 281 -7.81 -32.25 3.13
N PRO A 282 -6.47 -32.32 3.25
CA PRO A 282 -5.88 -32.27 4.60
C PRO A 282 -6.12 -30.92 5.27
N LEU A 283 -6.44 -30.93 6.55
CA LEU A 283 -6.57 -29.71 7.35
C LEU A 283 -5.21 -29.06 7.59
N VAL A 284 -4.18 -29.88 7.78
CA VAL A 284 -2.82 -29.42 8.04
C VAL A 284 -1.87 -30.03 7.02
N ARG A 285 -0.98 -29.21 6.45
CA ARG A 285 0.09 -29.66 5.56
C ARG A 285 1.41 -29.11 6.08
N GLY A 286 2.44 -29.93 6.10
CA GLY A 286 3.77 -29.50 6.53
C GLY A 286 4.86 -30.43 6.06
N GLY A 287 6.10 -29.97 6.16
CA GLY A 287 7.24 -30.80 5.76
C GLY A 287 8.56 -30.07 5.76
N ARG A 288 9.60 -30.79 5.34
CA ARG A 288 10.95 -30.23 5.22
C ARG A 288 11.14 -29.61 3.85
N PHE A 289 11.95 -28.55 3.80
CA PHE A 289 12.30 -27.90 2.54
C PHE A 289 13.64 -27.17 2.66
N ASP A 290 14.11 -26.54 1.59
CA ASP A 290 15.42 -25.87 1.54
C ASP A 290 15.26 -24.34 1.40
N PRO A 302 22.75 -22.70 1.61
CA PRO A 302 21.81 -23.81 1.69
C PRO A 302 21.18 -23.92 3.10
N ARG A 303 20.00 -23.32 3.29
CA ARG A 303 19.41 -23.14 4.62
C ARG A 303 18.28 -24.12 4.95
N GLN A 304 18.45 -24.86 6.05
CA GLN A 304 17.44 -25.81 6.52
C GLN A 304 16.13 -25.09 6.87
N ALA A 305 15.01 -25.77 6.64
CA ALA A 305 13.70 -25.21 6.91
C ALA A 305 12.64 -26.29 7.00
N THR A 306 11.79 -26.20 8.02
CA THR A 306 10.63 -27.08 8.15
C THR A 306 9.48 -26.34 8.80
N GLY A 307 8.25 -26.72 8.47
CA GLY A 307 7.08 -26.06 9.03
C GLY A 307 5.76 -26.62 8.58
N PHE A 308 4.68 -26.01 9.05
CA PHE A 308 3.32 -26.39 8.64
C PHE A 308 2.43 -25.16 8.45
N SER A 309 1.24 -25.41 7.92
CA SER A 309 0.18 -24.42 7.87
C SER A 309 -1.18 -25.13 7.85
N MET A 310 -2.22 -24.41 8.26
CA MET A 310 -3.57 -24.97 8.26
C MET A 310 -4.58 -23.92 7.86
N ASP A 311 -5.76 -24.39 7.49
CA ASP A 311 -6.88 -23.52 7.18
C ASP A 311 -7.68 -23.32 8.45
N VAL A 312 -7.61 -22.12 9.02
CA VAL A 312 -8.30 -21.79 10.28
C VAL A 312 -9.82 -21.84 10.09
N SER A 313 -10.28 -21.38 8.93
CA SER A 313 -11.69 -21.40 8.56
C SER A 313 -12.32 -22.80 8.64
N ARG A 314 -11.56 -23.82 8.29
CA ARG A 314 -12.03 -25.20 8.35
C ARG A 314 -12.17 -25.76 9.78
N LEU A 315 -11.49 -25.15 10.75
CA LEU A 315 -11.69 -25.48 12.16
C LEU A 315 -13.05 -25.04 12.71
N LEU A 316 -13.67 -24.04 12.08
CA LEU A 316 -14.94 -23.48 12.55
C LEU A 316 -16.01 -24.53 12.79
N ALA A 317 -16.18 -25.42 11.81
CA ALA A 317 -17.19 -26.48 11.87
C ALA A 317 -16.99 -27.48 13.03
N HIS A 318 -15.74 -27.64 13.49
CA HIS A 318 -15.40 -28.61 14.51
C HIS A 318 -15.05 -28.03 15.88
N THR A 319 -15.22 -26.72 16.04
CA THR A 319 -14.98 -26.06 17.33
C THR A 319 -16.25 -25.34 17.74
N GLN A 320 -16.44 -25.19 19.05
CA GLN A 320 -17.60 -24.48 19.61
C GLN A 320 -17.16 -23.62 20.78
N LEU A 321 -17.79 -22.46 20.94
CA LEU A 321 -17.54 -21.57 22.06
C LEU A 321 -18.69 -21.61 23.06
N ASP A 322 -18.40 -21.16 24.28
CA ASP A 322 -19.45 -20.89 25.28
C ASP A 322 -20.38 -19.85 24.69
N ALA A 323 -21.69 -20.08 24.81
CA ALA A 323 -22.67 -19.14 24.28
C ALA A 323 -22.46 -17.76 24.90
N PRO A 324 -22.64 -16.69 24.09
CA PRO A 324 -22.36 -15.35 24.61
C PRO A 324 -23.48 -14.85 25.51
N PHE A 325 -23.12 -14.06 26.52
CA PHE A 325 -24.11 -13.39 27.36
C PHE A 325 -24.43 -12.05 26.69
N ILE A 326 -25.66 -11.94 26.18
CA ILE A 326 -26.12 -10.77 25.44
C ILE A 326 -27.15 -10.01 26.27
N VAL A 327 -26.78 -8.79 26.67
CA VAL A 327 -27.54 -7.97 27.61
C VAL A 327 -28.21 -6.79 26.88
N LEU A 328 -29.46 -6.50 27.22
CA LEU A 328 -30.16 -5.33 26.71
C LEU A 328 -30.55 -4.43 27.87
N ILE A 329 -30.12 -3.16 27.81
CA ILE A 329 -30.55 -2.17 28.79
C ILE A 329 -32.02 -1.82 28.47
N ASP A 330 -32.83 -1.63 29.52
CA ASP A 330 -34.22 -1.23 29.35
C ASP A 330 -34.30 0.22 28.86
N TYR A 331 -34.95 0.41 27.71
CA TYR A 331 -35.02 1.72 27.04
C TYR A 331 -35.70 2.79 27.89
N ASP A 332 -36.91 2.50 28.34
CA ASP A 332 -37.73 3.47 29.09
C ASP A 332 -37.07 3.86 30.41
N ALA A 333 -36.64 2.84 31.16
CA ALA A 333 -35.94 3.05 32.43
C ALA A 333 -34.70 3.93 32.28
N PHE A 334 -33.94 3.73 31.20
CA PHE A 334 -32.74 4.52 30.95
C PHE A 334 -33.06 5.99 30.65
N ASN A 335 -34.10 6.23 29.84
CA ASN A 335 -34.45 7.59 29.44
C ASN A 335 -35.13 8.42 30.54
N ASN A 336 -35.59 7.77 31.61
CA ASN A 336 -36.08 8.47 32.81
C ASN A 336 -34.98 8.91 33.78
N LEU A 337 -33.75 8.43 33.59
CA LEU A 337 -32.64 8.74 34.47
C LEU A 337 -32.17 10.19 34.32
N ASP A 338 -31.81 10.81 35.44
CA ASP A 338 -31.05 12.07 35.41
C ASP A 338 -29.62 11.79 34.94
N SER A 339 -28.88 12.86 34.63
CA SER A 339 -27.51 12.75 34.13
C SER A 339 -26.55 11.98 35.05
N ALA A 340 -26.69 12.17 36.36
CA ALA A 340 -25.84 11.50 37.35
C ALA A 340 -26.08 9.98 37.38
N GLN A 341 -27.35 9.58 37.30
CA GLN A 341 -27.71 8.15 37.31
C GLN A 341 -27.32 7.42 36.02
N ARG A 342 -27.23 8.16 34.92
CA ARG A 342 -26.71 7.61 33.66
C ARG A 342 -25.21 7.32 33.75
N GLN A 343 -24.44 8.27 34.31
CA GLN A 343 -23.00 8.05 34.54
C GLN A 343 -22.73 6.83 35.44
N LEU A 344 -23.57 6.63 36.45
CA LEU A 344 -23.46 5.43 37.29
C LEU A 344 -23.81 4.15 36.53
N LEU A 345 -24.80 4.23 35.63
CA LEU A 345 -25.17 3.06 34.83
C LEU A 345 -24.06 2.72 33.85
N LEU A 346 -23.57 3.73 33.13
CA LEU A 346 -22.48 3.53 32.16
C LEU A 346 -21.22 2.93 32.81
N GLN A 347 -20.91 3.35 34.03
CA GLN A 347 -19.85 2.74 34.84
C GLN A 347 -20.11 1.24 35.09
N GLN A 348 -21.35 0.90 35.41
CA GLN A 348 -21.75 -0.48 35.59
C GLN A 348 -21.74 -1.30 34.29
N VAL A 349 -22.17 -0.67 33.19
CA VAL A 349 -22.14 -1.30 31.86
C VAL A 349 -20.71 -1.53 31.41
N ALA A 350 -19.87 -0.51 31.57
CA ALA A 350 -18.42 -0.63 31.32
C ALA A 350 -17.80 -1.80 32.07
N SER A 351 -18.25 -2.00 33.31
CA SER A 351 -17.82 -3.13 34.12
C SER A 351 -18.26 -4.45 33.50
N LEU A 352 -19.52 -4.53 33.08
CA LEU A 352 -20.05 -5.73 32.42
C LEU A 352 -19.28 -6.04 31.14
N ARG A 353 -18.99 -5.02 30.34
CA ARG A 353 -18.25 -5.20 29.09
C ARG A 353 -16.83 -5.71 29.29
N GLN A 354 -16.16 -5.22 30.34
CA GLN A 354 -14.82 -5.70 30.71
C GLN A 354 -14.82 -7.18 31.15
N GLN A 355 -15.96 -7.67 31.61
CA GLN A 355 -16.15 -9.11 31.89
C GLN A 355 -16.64 -9.91 30.68
N GLY A 356 -16.72 -9.29 29.51
CA GLY A 356 -17.12 -9.96 28.28
C GLY A 356 -18.62 -10.14 28.04
N TYR A 357 -19.46 -9.44 28.81
CA TYR A 357 -20.89 -9.35 28.50
C TYR A 357 -21.02 -8.45 27.28
N ARG A 358 -21.99 -8.76 26.42
CA ARG A 358 -22.27 -7.92 25.26
C ARG A 358 -23.51 -7.10 25.56
N VAL A 359 -23.31 -5.80 25.76
CA VAL A 359 -24.36 -4.91 26.25
C VAL A 359 -24.74 -3.90 25.18
N THR A 360 -26.04 -3.78 24.94
CA THR A 360 -26.59 -2.89 23.93
C THR A 360 -27.35 -1.74 24.63
N MET A 361 -26.95 -0.51 24.34
CA MET A 361 -27.73 0.68 24.71
C MET A 361 -28.78 0.89 23.62
N PRO A 362 -30.07 0.61 23.92
CA PRO A 362 -31.08 0.63 22.85
C PRO A 362 -31.37 2.02 22.31
N LEU A 363 -31.43 2.13 20.98
CA LEU A 363 -31.72 3.40 20.32
C LEU A 363 -33.20 3.76 20.39
N THR A 364 -34.05 2.74 20.36
CA THR A 364 -35.49 2.91 20.48
C THR A 364 -36.05 1.84 21.41
N ALA A 365 -37.35 1.97 21.72
CA ALA A 365 -38.07 0.97 22.53
C ALA A 365 -38.14 -0.41 21.89
N GLU A 366 -38.00 -0.48 20.56
CA GLU A 366 -38.10 -1.74 19.81
C GLU A 366 -36.73 -2.41 19.58
N ASP A 367 -35.64 -1.69 19.88
CA ASP A 367 -34.28 -2.17 19.64
C ASP A 367 -33.96 -3.45 20.42
N MET A 368 -33.86 -4.55 19.68
CA MET A 368 -33.80 -5.91 20.23
C MET A 368 -32.60 -6.66 19.61
N PRO A 369 -31.54 -6.89 20.40
CA PRO A 369 -30.40 -7.69 19.88
C PRO A 369 -30.78 -9.13 19.52
N VAL A 370 -30.01 -9.71 18.61
CA VAL A 370 -30.20 -11.10 18.19
C VAL A 370 -29.62 -11.97 19.31
N GLY A 371 -30.42 -12.93 19.77
CA GLY A 371 -29.98 -13.89 20.78
C GLY A 371 -29.91 -13.32 22.18
N LEU A 372 -30.88 -12.47 22.53
CA LEU A 372 -30.94 -11.82 23.84
C LEU A 372 -31.07 -12.85 24.96
N THR A 373 -30.15 -12.81 25.91
CA THR A 373 -30.16 -13.72 27.05
C THR A 373 -30.56 -13.06 28.36
N HIS A 374 -30.19 -11.78 28.57
CA HIS A 374 -30.48 -11.04 29.81
C HIS A 374 -30.98 -9.62 29.54
N ARG A 375 -31.68 -9.04 30.50
CA ARG A 375 -32.06 -7.62 30.47
C ARG A 375 -31.49 -6.94 31.70
N LEU A 376 -30.91 -5.76 31.51
CA LEU A 376 -30.44 -4.95 32.63
C LEU A 376 -31.57 -3.98 33.00
N SER A 377 -32.28 -4.31 34.08
CA SER A 377 -33.51 -3.62 34.48
C SER A 377 -33.34 -2.82 35.77
N LEU A 378 -34.22 -1.84 35.98
CA LEU A 378 -34.22 -1.02 37.19
C LEU A 378 -35.32 -1.46 38.16
N ALA A 379 -34.92 -1.74 39.41
CA ALA A 379 -35.85 -1.88 40.53
C ALA A 379 -35.18 -1.35 41.80
N ASP A 380 -35.97 -0.73 42.68
CA ASP A 380 -35.48 -0.15 43.95
C ASP A 380 -34.11 0.55 43.86
N ASN A 381 -33.97 1.41 42.86
CA ASN A 381 -32.72 2.14 42.57
C ASN A 381 -31.48 1.23 42.43
N GLN A 382 -31.68 0.05 41.83
CA GLN A 382 -30.64 -0.94 41.60
C GLN A 382 -30.82 -1.56 40.22
N TRP A 383 -29.81 -1.42 39.37
CA TRP A 383 -29.80 -2.06 38.06
C TRP A 383 -29.30 -3.50 38.19
N ARG A 384 -30.10 -4.46 37.76
CA ARG A 384 -29.77 -5.89 37.88
C ARG A 384 -30.06 -6.66 36.61
N LEU A 385 -29.24 -7.69 36.36
CA LEU A 385 -29.45 -8.60 35.25
C LEU A 385 -30.54 -9.62 35.61
N HIS A 386 -31.53 -9.80 34.73
CA HIS A 386 -32.41 -10.95 34.82
C HIS A 386 -32.53 -11.61 33.45
N ALA A 387 -32.50 -12.93 33.43
CA ALA A 387 -32.65 -13.70 32.19
C ALA A 387 -34.06 -13.58 31.63
N VAL A 388 -34.17 -13.60 30.30
CA VAL A 388 -35.47 -13.52 29.61
C VAL A 388 -36.23 -14.83 29.71
N MET B 2 12.99 -7.91 -2.99
CA MET B 2 12.37 -6.67 -2.43
C MET B 2 10.88 -6.52 -2.79
N LEU B 3 10.18 -5.72 -1.98
CA LEU B 3 8.73 -5.55 -2.07
C LEU B 3 8.41 -4.29 -2.88
N PRO B 4 7.17 -4.19 -3.43
CA PRO B 4 6.78 -2.96 -4.15
C PRO B 4 6.74 -1.75 -3.24
N ASP B 5 6.67 -0.55 -3.83
CA ASP B 5 6.57 0.69 -3.06
C ASP B 5 5.19 0.79 -2.41
N GLY B 6 5.16 1.16 -1.14
CA GLY B 6 3.93 1.20 -0.36
C GLY B 6 3.37 -0.16 0.00
N VAL B 7 4.22 -1.18 -0.02
CA VAL B 7 3.86 -2.55 0.33
C VAL B 7 4.93 -3.05 1.30
N ALA B 8 4.55 -3.34 2.54
CA ALA B 8 5.52 -3.64 3.58
C ALA B 8 5.13 -4.85 4.42
N ASP B 9 6.15 -5.50 4.97
CA ASP B 9 5.97 -6.47 6.04
C ASP B 9 5.66 -5.69 7.31
N VAL B 10 4.76 -6.23 8.11
CA VAL B 10 4.62 -5.80 9.49
C VAL B 10 5.31 -6.91 10.28
N LEU B 11 6.45 -6.60 10.90
CA LEU B 11 7.33 -7.61 11.50
C LEU B 11 7.48 -7.48 12.99
N PHE B 12 7.54 -8.63 13.66
CA PHE B 12 8.03 -8.75 15.04
C PHE B 12 7.13 -8.01 16.02
N GLU B 13 7.61 -6.97 16.72
CA GLU B 13 6.76 -6.29 17.71
C GLU B 13 5.63 -5.51 17.09
N ASP B 14 5.84 -4.96 15.90
CA ASP B 14 4.76 -4.31 15.16
C ASP B 14 3.66 -5.30 14.82
N ALA B 15 4.06 -6.50 14.40
CA ALA B 15 3.11 -7.56 14.09
C ALA B 15 2.33 -7.94 15.33
N HIS B 16 3.03 -8.07 16.45
CA HIS B 16 2.39 -8.32 17.74
C HIS B 16 1.42 -7.19 18.11
N LYS B 17 1.90 -5.96 18.05
CA LYS B 17 1.10 -4.77 18.37
C LYS B 17 -0.16 -4.70 17.51
N GLN B 18 -0.01 -4.93 16.21
CA GLN B 18 -1.14 -4.95 15.27
C GLN B 18 -2.16 -6.03 15.62
N GLU B 19 -1.67 -7.22 15.98
CA GLU B 19 -2.55 -8.34 16.38
C GLU B 19 -3.30 -7.96 17.65
N VAL B 20 -2.62 -7.32 18.61
CA VAL B 20 -3.24 -6.90 19.86
C VAL B 20 -4.28 -5.80 19.63
N LEU B 21 -3.93 -4.76 18.87
CA LEU B 21 -4.91 -3.70 18.55
C LEU B 21 -6.16 -4.27 17.90
N ARG B 22 -5.96 -4.98 16.78
CA ARG B 22 -7.06 -5.60 16.03
C ARG B 22 -7.98 -6.39 16.96
N HIS B 23 -7.39 -7.15 17.88
CA HIS B 23 -8.16 -8.02 18.76
C HIS B 23 -8.90 -7.28 19.87
N GLN B 24 -8.22 -6.33 20.52
CA GLN B 24 -8.85 -5.54 21.59
C GLN B 24 -9.98 -4.68 21.00
N LEU B 25 -9.67 -3.96 19.93
CA LEU B 25 -10.64 -3.08 19.27
C LEU B 25 -11.85 -3.86 18.75
N THR B 26 -11.63 -5.05 18.21
CA THR B 26 -12.73 -5.94 17.80
C THR B 26 -13.59 -6.41 18.99
N GLN B 27 -12.94 -6.75 20.10
CA GLN B 27 -13.67 -7.16 21.31
C GLN B 27 -14.53 -6.03 21.90
N GLN B 28 -13.98 -4.82 21.94
CA GLN B 28 -14.72 -3.65 22.40
C GLN B 28 -16.00 -3.45 21.58
N LEU B 29 -15.88 -3.52 20.26
CA LEU B 29 -17.03 -3.39 19.38
C LEU B 29 -18.09 -4.47 19.66
N ILE B 30 -17.62 -5.72 19.75
CA ILE B 30 -18.52 -6.85 20.03
C ILE B 30 -19.25 -6.68 21.36
N THR B 31 -18.54 -6.20 22.39
CA THR B 31 -19.15 -5.95 23.70
C THR B 31 -20.12 -4.77 23.71
N HIS B 32 -19.97 -3.84 22.76
CA HIS B 32 -20.95 -2.76 22.57
C HIS B 32 -22.16 -3.17 21.73
N GLY B 33 -22.34 -4.46 21.46
CA GLY B 33 -23.50 -4.95 20.75
C GLY B 33 -23.37 -5.02 19.23
N TYR B 34 -22.16 -4.86 18.69
CA TYR B 34 -21.95 -4.89 17.25
C TYR B 34 -21.64 -6.31 16.78
N GLN B 35 -22.33 -6.76 15.73
CA GLN B 35 -22.13 -8.10 15.18
C GLN B 35 -20.90 -8.12 14.27
N LEU B 36 -19.93 -8.95 14.63
CA LEU B 36 -18.73 -9.09 13.82
C LEU B 36 -19.06 -9.78 12.51
N VAL B 37 -18.53 -9.25 11.42
CA VAL B 37 -18.64 -9.88 10.10
C VAL B 37 -17.26 -9.92 9.45
N SER B 38 -17.03 -10.98 8.71
CA SER B 38 -15.75 -11.23 8.06
C SER B 38 -16.01 -11.59 6.59
N PRO B 39 -16.35 -10.57 5.76
CA PRO B 39 -16.57 -10.83 4.35
C PRO B 39 -15.26 -11.12 3.59
N PRO B 40 -15.37 -11.75 2.41
CA PRO B 40 -14.18 -12.21 1.70
C PRO B 40 -13.42 -11.09 1.01
N MET B 41 -12.12 -11.30 0.81
CA MET B 41 -11.26 -10.36 0.08
C MET B 41 -11.71 -10.09 -1.36
N ILE B 42 -12.32 -11.09 -2.01
CA ILE B 42 -12.77 -10.98 -3.39
C ILE B 42 -14.29 -11.13 -3.52
N GLU B 43 -14.87 -10.35 -4.43
CA GLU B 43 -16.28 -10.42 -4.82
C GLU B 43 -16.40 -10.03 -6.28
N PHE B 44 -17.57 -10.26 -6.87
CA PHE B 44 -17.90 -9.66 -8.16
C PHE B 44 -17.95 -8.14 -8.02
N THR B 45 -17.49 -7.44 -9.05
CA THR B 45 -17.44 -5.97 -9.07
C THR B 45 -18.82 -5.33 -8.93
N GLU B 46 -19.85 -6.04 -9.37
CA GLU B 46 -21.24 -5.60 -9.29
C GLU B 46 -21.57 -5.13 -7.89
N SER B 47 -21.43 -6.03 -6.91
CA SER B 47 -21.72 -5.69 -5.51
C SER B 47 -20.56 -4.94 -4.84
N LEU B 48 -19.33 -5.22 -5.27
CA LEU B 48 -18.16 -4.64 -4.62
C LEU B 48 -18.04 -3.14 -4.84
N LEU B 49 -18.27 -2.70 -6.08
CA LEU B 49 -18.15 -1.30 -6.48
C LEU B 49 -19.50 -0.61 -6.76
N SER B 50 -20.63 -1.23 -6.38
CA SER B 50 -21.95 -0.59 -6.48
C SER B 50 -21.93 0.76 -5.76
N GLY B 51 -22.21 1.84 -6.50
CA GLY B 51 -22.19 3.19 -5.94
C GLY B 51 -20.81 3.67 -5.53
N ALA B 52 -19.77 3.18 -6.21
CA ALA B 52 -18.39 3.55 -5.89
C ALA B 52 -18.05 4.89 -6.52
N SER B 53 -17.25 5.69 -5.82
CA SER B 53 -16.60 6.85 -6.43
C SER B 53 -15.58 6.37 -7.44
N GLU B 54 -15.30 7.21 -8.44
CA GLU B 54 -14.25 6.91 -9.43
C GLU B 54 -12.89 6.72 -8.77
N ASP B 55 -12.68 7.40 -7.64
CA ASP B 55 -11.49 7.21 -6.81
C ASP B 55 -11.39 5.77 -6.28
N LEU B 56 -12.52 5.24 -5.78
CA LEU B 56 -12.56 3.88 -5.23
C LEU B 56 -12.31 2.82 -6.30
N LYS B 57 -13.00 2.91 -7.44
CA LYS B 57 -12.82 1.92 -8.51
C LYS B 57 -11.42 1.95 -9.12
N ARG B 58 -10.75 3.11 -9.07
CA ARG B 58 -9.35 3.23 -9.50
C ARG B 58 -8.42 2.46 -8.54
N GLN B 59 -8.67 2.61 -7.25
CA GLN B 59 -7.91 1.89 -6.22
C GLN B 59 -8.18 0.37 -6.17
N THR B 60 -9.30 -0.08 -6.73
CA THR B 60 -9.66 -1.50 -6.75
C THR B 60 -8.99 -2.28 -7.89
N PHE B 61 -8.19 -3.30 -7.55
CA PHE B 61 -7.66 -4.24 -8.56
C PHE B 61 -8.78 -5.12 -9.12
N LYS B 62 -8.64 -5.51 -10.39
CA LYS B 62 -9.60 -6.37 -11.08
C LYS B 62 -8.95 -7.68 -11.51
N ILE B 63 -9.75 -8.74 -11.48
CA ILE B 63 -9.33 -10.10 -11.82
C ILE B 63 -10.54 -10.82 -12.39
N ILE B 64 -10.31 -11.86 -13.19
CA ILE B 64 -11.39 -12.63 -13.82
C ILE B 64 -11.70 -13.86 -12.98
N ASP B 65 -12.98 -14.08 -12.70
CA ASP B 65 -13.47 -15.36 -12.20
C ASP B 65 -13.38 -16.37 -13.34
N GLN B 66 -12.50 -17.36 -13.19
CA GLN B 66 -12.33 -18.43 -14.16
C GLN B 66 -13.60 -19.28 -14.37
N LEU B 67 -14.41 -19.42 -13.33
CA LEU B 67 -15.64 -20.22 -13.41
C LEU B 67 -16.77 -19.55 -14.19
N THR B 68 -16.80 -18.21 -14.22
CA THR B 68 -17.88 -17.46 -14.92
C THR B 68 -17.42 -16.41 -15.93
N GLY B 69 -16.11 -16.25 -16.12
CA GLY B 69 -15.57 -15.17 -16.94
C GLY B 69 -16.07 -13.78 -16.56
N ARG B 70 -16.46 -13.59 -15.30
CA ARG B 70 -16.94 -12.29 -14.81
C ARG B 70 -15.83 -11.56 -14.11
N LEU B 71 -15.97 -10.25 -14.02
CA LEU B 71 -15.00 -9.40 -13.36
C LEU B 71 -15.23 -9.43 -11.85
N MET B 72 -14.21 -9.87 -11.13
CA MET B 72 -14.15 -9.71 -9.68
C MET B 72 -13.18 -8.60 -9.37
N GLY B 73 -13.13 -8.22 -8.10
CA GLY B 73 -12.11 -7.28 -7.61
C GLY B 73 -11.58 -7.67 -6.24
N ILE B 74 -10.36 -7.24 -5.94
CA ILE B 74 -9.81 -7.33 -4.60
C ILE B 74 -10.23 -6.05 -3.91
N ARG B 75 -10.97 -6.20 -2.81
CA ARG B 75 -11.59 -5.06 -2.15
C ARG B 75 -10.60 -3.96 -1.77
N ALA B 76 -10.97 -2.73 -2.10
CA ALA B 76 -10.29 -1.51 -1.64
C ALA B 76 -11.01 -0.90 -0.42
N ASP B 77 -12.28 -1.28 -0.21
CA ASP B 77 -13.11 -0.82 0.92
C ASP B 77 -14.08 -1.94 1.32
N ILE B 78 -14.22 -2.19 2.62
CA ILE B 78 -15.13 -3.21 3.15
C ILE B 78 -16.59 -2.73 3.26
N THR B 79 -16.81 -1.42 3.34
CA THR B 79 -18.14 -0.83 3.57
C THR B 79 -19.26 -1.31 2.61
N PRO B 80 -19.00 -1.36 1.28
CA PRO B 80 -20.00 -1.94 0.36
C PRO B 80 -20.42 -3.38 0.71
N GLN B 81 -19.48 -4.16 1.24
CA GLN B 81 -19.76 -5.56 1.59
C GLN B 81 -20.72 -5.61 2.78
N ILE B 82 -20.64 -4.62 3.67
CA ILE B 82 -21.56 -4.55 4.81
C ILE B 82 -22.98 -4.23 4.34
N LEU B 83 -23.11 -3.31 3.38
CA LEU B 83 -24.39 -3.06 2.68
C LEU B 83 -25.01 -4.34 2.16
N ARG B 84 -24.23 -5.10 1.41
CA ARG B 84 -24.68 -6.37 0.85
C ARG B 84 -25.17 -7.30 1.95
N ILE B 85 -24.33 -7.49 2.98
CA ILE B 85 -24.64 -8.36 4.12
C ILE B 85 -25.94 -7.93 4.82
N ASP B 86 -26.05 -6.63 5.09
CA ASP B 86 -27.24 -6.09 5.72
C ASP B 86 -28.50 -6.31 4.87
N ALA B 87 -28.36 -6.21 3.56
CA ALA B 87 -29.51 -6.40 2.66
C ALA B 87 -30.09 -7.82 2.73
N HIS B 88 -29.24 -8.81 3.01
CA HIS B 88 -29.65 -10.21 3.08
C HIS B 88 -29.93 -10.70 4.51
N HIS B 89 -29.26 -10.14 5.51
CA HIS B 89 -29.39 -10.61 6.90
C HIS B 89 -29.92 -9.60 7.92
N GLY B 90 -30.06 -8.33 7.53
CA GLY B 90 -30.34 -7.26 8.48
C GLY B 90 -31.79 -7.11 8.93
N GLY B 91 -32.74 -7.50 8.07
CA GLY B 91 -34.15 -7.24 8.35
C GLY B 91 -34.48 -5.75 8.30
N ASP B 92 -35.67 -5.40 8.77
CA ASP B 92 -36.16 -4.02 8.74
C ASP B 92 -35.86 -3.23 9.99
N GLY B 93 -35.59 -3.93 11.10
CA GLY B 93 -35.21 -3.31 12.35
C GLY B 93 -33.77 -2.79 12.34
N ILE B 94 -33.32 -2.42 13.53
CA ILE B 94 -31.97 -1.91 13.74
C ILE B 94 -30.97 -3.06 13.69
N ALA B 95 -29.81 -2.82 13.08
CA ALA B 95 -28.75 -3.80 12.93
C ALA B 95 -27.41 -3.11 13.09
N ARG B 96 -26.52 -3.73 13.84
CA ARG B 96 -25.20 -3.19 14.14
C ARG B 96 -24.17 -4.18 13.65
N TYR B 97 -23.17 -3.68 12.93
CA TYR B 97 -22.13 -4.50 12.35
C TYR B 97 -20.77 -3.93 12.70
N CYS B 98 -19.78 -4.80 12.88
CA CYS B 98 -18.39 -4.38 12.91
C CYS B 98 -17.54 -5.34 12.08
N TYR B 99 -16.34 -4.88 11.75
CA TYR B 99 -15.47 -5.63 10.88
C TYR B 99 -14.05 -5.13 11.05
N ALA B 100 -13.11 -6.01 10.73
CA ALA B 100 -11.70 -5.66 10.62
C ALA B 100 -11.08 -6.57 9.58
N GLY B 101 -10.42 -6.00 8.60
CA GLY B 101 -9.88 -6.77 7.49
C GLY B 101 -8.96 -5.96 6.64
N ASP B 102 -8.08 -6.67 5.92
CA ASP B 102 -7.16 -6.03 4.98
C ASP B 102 -7.91 -5.60 3.73
N VAL B 103 -7.51 -4.46 3.19
CA VAL B 103 -7.99 -3.98 1.89
C VAL B 103 -6.77 -3.61 1.06
N ILE B 104 -6.90 -3.69 -0.26
CA ILE B 104 -5.77 -3.48 -1.18
C ILE B 104 -6.06 -2.32 -2.13
N HIS B 105 -5.10 -1.41 -2.23
CA HIS B 105 -5.19 -0.25 -3.11
C HIS B 105 -4.12 -0.35 -4.18
N THR B 106 -4.45 0.10 -5.40
CA THR B 106 -3.52 0.10 -6.53
C THR B 106 -2.38 1.10 -6.34
N LEU B 107 -2.73 2.30 -5.89
CA LEU B 107 -1.76 3.37 -5.58
C LEU B 107 -1.77 3.61 -4.07
N PRO B 108 -0.62 4.05 -3.50
CA PRO B 108 -0.66 4.54 -2.10
C PRO B 108 -1.56 5.77 -1.98
N SER B 109 -2.36 5.84 -0.92
CA SER B 109 -3.40 6.87 -0.79
C SER B 109 -2.82 8.21 -0.35
N GLY B 110 -1.76 8.18 0.46
CA GLY B 110 -0.92 9.35 0.78
C GLY B 110 0.56 9.09 0.51
N LEU B 111 1.34 10.16 0.52
CA LEU B 111 2.79 10.10 0.22
C LEU B 111 3.51 9.16 1.18
N PHE B 112 4.23 8.19 0.62
CA PHE B 112 4.82 7.09 1.39
C PHE B 112 3.77 6.29 2.20
N GLY B 113 2.56 6.18 1.64
CA GLY B 113 1.47 5.48 2.28
C GLY B 113 1.57 3.98 2.11
N SER B 114 0.56 3.27 2.59
CA SER B 114 0.46 1.83 2.48
C SER B 114 -0.65 1.44 1.49
N ARG B 115 -0.29 0.59 0.54
CA ARG B 115 -1.26 0.00 -0.37
C ARG B 115 -2.07 -1.13 0.26
N THR B 116 -1.65 -1.61 1.43
CA THR B 116 -2.30 -2.72 2.13
C THR B 116 -2.73 -2.36 3.57
N PRO B 117 -3.63 -1.37 3.72
CA PRO B 117 -4.07 -1.00 5.07
C PRO B 117 -5.04 -2.01 5.68
N LEU B 118 -5.18 -1.94 7.00
CA LEU B 118 -6.07 -2.82 7.75
C LEU B 118 -7.25 -1.97 8.19
N GLN B 119 -8.37 -2.14 7.50
CA GLN B 119 -9.55 -1.30 7.71
C GLN B 119 -10.40 -1.91 8.82
N LEU B 120 -10.78 -1.11 9.80
CA LEU B 120 -11.64 -1.55 10.91
C LEU B 120 -12.77 -0.54 11.07
N GLY B 121 -14.01 -1.04 11.18
CA GLY B 121 -15.17 -0.14 11.23
C GLY B 121 -16.40 -0.71 11.89
N ALA B 122 -17.38 0.18 12.06
CA ALA B 122 -18.66 -0.15 12.69
C ALA B 122 -19.76 0.62 11.99
N GLU B 123 -20.92 0.00 11.87
CA GLU B 123 -22.05 0.61 11.16
C GLU B 123 -23.37 0.27 11.84
N ILE B 124 -24.29 1.24 11.89
CA ILE B 124 -25.65 1.00 12.38
C ILE B 124 -26.60 1.23 11.22
N PHE B 125 -27.48 0.25 10.99
CA PHE B 125 -28.50 0.32 9.95
C PHE B 125 -29.87 0.39 10.60
N GLY B 126 -30.82 1.01 9.89
CA GLY B 126 -32.22 1.03 10.31
C GLY B 126 -32.62 1.96 11.44
N CYS B 127 -31.86 3.03 11.66
CA CYS B 127 -32.22 4.05 12.65
C CYS B 127 -32.11 5.47 12.09
N GLU B 128 -33.24 6.17 12.02
CA GLU B 128 -33.31 7.57 11.58
C GLU B 128 -32.63 8.53 12.56
N SER B 129 -32.80 8.28 13.86
CA SER B 129 -32.37 9.20 14.92
C SER B 129 -30.88 9.55 14.93
N ILE B 130 -30.59 10.76 15.40
CA ILE B 130 -29.22 11.19 15.69
C ILE B 130 -28.61 10.35 16.83
N ALA B 131 -29.46 9.71 17.65
CA ALA B 131 -29.02 8.75 18.67
C ALA B 131 -28.06 7.67 18.16
N ALA B 132 -28.30 7.18 16.93
CA ALA B 132 -27.41 6.21 16.29
C ALA B 132 -26.02 6.78 16.07
N ASP B 133 -25.96 8.03 15.63
CA ASP B 133 -24.70 8.74 15.42
C ASP B 133 -23.97 8.99 16.75
N ILE B 134 -24.73 9.37 17.78
CA ILE B 134 -24.15 9.56 19.13
C ILE B 134 -23.56 8.25 19.67
N GLU B 135 -24.23 7.14 19.43
CA GLU B 135 -23.75 5.83 19.87
C GLU B 135 -22.40 5.48 19.23
N LEU B 136 -22.33 5.58 17.90
CA LEU B 136 -21.09 5.36 17.16
C LEU B 136 -19.94 6.26 17.58
N ILE B 137 -20.24 7.51 17.91
CA ILE B 137 -19.24 8.45 18.44
C ILE B 137 -18.71 7.91 19.77
N ASP B 138 -19.60 7.44 20.64
CA ASP B 138 -19.20 6.87 21.94
C ASP B 138 -18.32 5.63 21.81
N VAL B 139 -18.70 4.72 20.92
CA VAL B 139 -17.92 3.49 20.69
C VAL B 139 -16.53 3.84 20.19
N LEU B 140 -16.49 4.68 19.14
CA LEU B 140 -15.23 5.16 18.57
C LEU B 140 -14.31 5.74 19.64
N PHE B 141 -14.87 6.58 20.51
CA PHE B 141 -14.05 7.33 21.46
C PHE B 141 -13.60 6.52 22.66
N SER B 142 -14.41 5.55 23.09
CA SER B 142 -13.95 4.60 24.10
C SER B 142 -12.86 3.69 23.54
N MET B 143 -12.98 3.28 22.27
CA MET B 143 -11.91 2.56 21.58
C MET B 143 -10.62 3.37 21.56
N ILE B 144 -10.71 4.62 21.10
CA ILE B 144 -9.54 5.50 20.99
C ILE B 144 -8.90 5.73 22.37
N ASN B 145 -9.70 5.99 23.38
CA ASN B 145 -9.17 6.24 24.74
C ASN B 145 -8.52 5.02 25.38
N SER B 146 -9.04 3.83 25.08
CA SER B 146 -8.42 2.59 25.57
C SER B 146 -6.99 2.39 25.07
N LEU B 147 -6.63 2.99 23.93
CA LEU B 147 -5.27 2.89 23.38
C LEU B 147 -4.20 3.69 24.12
N ASP B 148 -4.61 4.56 25.05
CA ASP B 148 -3.70 5.40 25.84
C ASP B 148 -2.59 6.05 25.00
N MET B 149 -3.01 6.74 23.94
CA MET B 149 -2.10 7.46 23.05
C MET B 149 -1.74 8.83 23.61
N SER B 150 -0.57 9.33 23.24
CA SER B 150 -0.18 10.71 23.52
C SER B 150 -0.70 11.65 22.44
N ALA B 151 -0.75 11.15 21.20
CA ALA B 151 -1.35 11.89 20.08
C ALA B 151 -2.84 12.15 20.30
N VAL B 152 -3.34 13.23 19.69
CA VAL B 152 -4.71 13.67 19.94
C VAL B 152 -5.52 13.64 18.63
N LEU B 153 -6.79 13.24 18.76
CA LEU B 153 -7.71 13.19 17.65
C LEU B 153 -8.55 14.47 17.62
N HIS B 154 -8.51 15.21 16.51
CA HIS B 154 -9.43 16.35 16.32
C HIS B 154 -10.49 15.99 15.27
N VAL B 155 -11.74 16.32 15.56
CA VAL B 155 -12.88 15.98 14.73
C VAL B 155 -13.36 17.17 13.89
N ASP B 156 -13.46 16.96 12.58
CA ASP B 156 -14.15 17.90 11.68
C ASP B 156 -15.53 17.34 11.36
N LEU B 157 -16.57 18.12 11.63
CA LEU B 157 -17.93 17.77 11.23
C LEU B 157 -18.38 18.61 10.05
N GLY B 158 -19.11 17.97 9.14
CA GLY B 158 -19.76 18.63 8.02
C GLY B 158 -21.16 18.05 7.89
N HIS B 159 -21.89 18.57 6.90
CA HIS B 159 -23.25 18.10 6.64
C HIS B 159 -23.64 18.58 5.24
N VAL B 160 -23.65 17.66 4.28
CA VAL B 160 -23.86 18.01 2.88
C VAL B 160 -25.31 18.41 2.58
N THR B 161 -26.23 17.99 3.44
CA THR B 161 -27.64 18.37 3.31
C THR B 161 -27.87 19.88 3.30
N ILE B 162 -27.10 20.65 4.09
CA ILE B 162 -27.25 22.11 4.13
C ILE B 162 -27.08 22.71 2.72
N PHE B 163 -25.90 22.54 2.14
CA PHE B 163 -25.64 23.00 0.78
C PHE B 163 -26.57 22.39 -0.27
N LYS B 164 -26.85 21.09 -0.13
CA LYS B 164 -27.70 20.38 -1.09
C LYS B 164 -29.12 20.98 -1.13
N ARG B 165 -29.67 21.27 0.05
CA ARG B 165 -30.98 21.93 0.19
C ARG B 165 -30.99 23.35 -0.37
N LEU B 166 -29.97 24.13 -0.06
CA LEU B 166 -29.84 25.47 -0.64
C LEU B 166 -29.81 25.40 -2.17
N ALA B 167 -29.03 24.47 -2.71
CA ALA B 167 -28.92 24.33 -4.16
C ALA B 167 -30.24 23.96 -4.87
N GLU B 168 -31.08 23.15 -4.23
CA GLU B 168 -32.40 22.81 -4.83
C GLU B 168 -33.40 23.98 -4.68
N LEU B 169 -33.37 24.66 -3.52
CA LEU B 169 -34.19 25.85 -3.28
C LEU B 169 -33.80 27.03 -4.17
N ALA B 170 -32.51 27.24 -4.35
CA ALA B 170 -32.00 28.25 -5.29
C ALA B 170 -32.20 27.85 -6.76
N ALA B 171 -32.53 26.58 -7.00
CA ALA B 171 -32.76 26.02 -8.35
C ALA B 171 -31.52 26.13 -9.22
N LEU B 172 -30.35 25.88 -8.62
CA LEU B 172 -29.06 26.00 -9.32
C LEU B 172 -28.93 24.91 -10.35
N SER B 173 -28.23 25.20 -11.44
CA SER B 173 -27.89 24.20 -12.45
C SER B 173 -26.74 23.33 -11.95
N ALA B 174 -26.43 22.29 -12.71
CA ALA B 174 -25.25 21.46 -12.42
C ALA B 174 -23.96 22.27 -12.58
N SER B 175 -23.95 23.14 -13.59
CA SER B 175 -22.86 24.12 -13.81
C SER B 175 -22.58 24.99 -12.59
N ASP B 176 -23.65 25.53 -11.99
CA ASP B 176 -23.52 26.41 -10.82
C ASP B 176 -23.04 25.64 -9.58
N THR B 177 -23.69 24.51 -9.31
CA THR B 177 -23.34 23.62 -8.19
C THR B 177 -21.87 23.23 -8.21
N GLU B 178 -21.37 22.85 -9.39
CA GLU B 178 -19.96 22.46 -9.57
C GLU B 178 -18.99 23.61 -9.35
N GLN B 179 -19.33 24.79 -9.85
CA GLN B 179 -18.45 25.96 -9.68
C GLN B 179 -18.39 26.36 -8.20
N LEU B 180 -19.52 26.33 -7.51
CA LEU B 180 -19.57 26.62 -6.07
C LEU B 180 -18.71 25.63 -5.27
N MET B 181 -18.91 24.35 -5.52
CA MET B 181 -18.15 23.30 -4.83
C MET B 181 -16.65 23.46 -4.99
N GLN B 182 -16.22 23.82 -6.21
CA GLN B 182 -14.80 24.01 -6.48
C GLN B 182 -14.25 25.31 -5.89
N LEU B 183 -15.08 26.34 -5.80
CA LEU B 183 -14.73 27.57 -5.07
C LEU B 183 -14.63 27.31 -3.56
N TYR B 184 -15.57 26.54 -3.02
CA TYR B 184 -15.53 26.11 -1.63
C TYR B 184 -14.27 25.30 -1.31
N ALA B 185 -13.97 24.31 -2.16
CA ALA B 185 -12.78 23.49 -1.97
C ALA B 185 -11.46 24.28 -2.00
N ASN B 186 -11.43 25.39 -2.73
CA ASN B 186 -10.25 26.30 -2.78
C ASN B 186 -10.35 27.52 -1.87
N LYS B 187 -11.39 27.57 -1.02
CA LYS B 187 -11.56 28.70 -0.10
C LYS B 187 -11.41 30.06 -0.82
N ASN B 188 -11.93 30.17 -2.03
CA ASN B 188 -11.74 31.38 -2.83
C ASN B 188 -12.87 32.35 -2.48
N LEU B 189 -12.70 33.06 -1.36
CA LEU B 189 -13.76 33.94 -0.83
C LEU B 189 -14.10 35.15 -1.73
N PRO B 190 -13.08 35.82 -2.30
CA PRO B 190 -13.35 36.96 -3.21
C PRO B 190 -14.16 36.56 -4.46
N GLU B 191 -13.74 35.49 -5.12
CA GLU B 191 -14.43 35.01 -6.32
C GLU B 191 -15.79 34.38 -5.99
N LEU B 192 -15.94 33.85 -4.77
CA LEU B 192 -17.24 33.37 -4.29
C LEU B 192 -18.21 34.53 -4.14
N LYS B 193 -17.73 35.63 -3.54
CA LYS B 193 -18.50 36.88 -3.43
C LYS B 193 -19.03 37.34 -4.80
N GLN B 194 -18.17 37.34 -5.81
CA GLN B 194 -18.53 37.75 -7.18
C GLN B 194 -19.63 36.86 -7.75
N VAL B 195 -19.39 35.55 -7.73
CA VAL B 195 -20.35 34.56 -8.24
C VAL B 195 -21.70 34.64 -7.52
N CYS B 196 -21.66 34.87 -6.21
CA CYS B 196 -22.88 34.89 -5.38
C CYS B 196 -23.79 36.09 -5.62
N GLN B 197 -23.23 37.20 -6.13
CA GLN B 197 -24.06 38.36 -6.52
C GLN B 197 -25.02 38.05 -7.66
N VAL B 198 -24.63 37.12 -8.54
CA VAL B 198 -25.44 36.73 -9.71
C VAL B 198 -26.15 35.37 -9.58
N LEU B 199 -26.36 34.87 -8.35
CA LEU B 199 -27.00 33.56 -8.12
C LEU B 199 -28.20 33.70 -7.19
N PRO B 200 -29.28 32.94 -7.47
CA PRO B 200 -30.43 32.93 -6.54
C PRO B 200 -30.03 32.45 -5.14
N MET B 201 -30.51 33.15 -4.11
CA MET B 201 -30.10 32.91 -2.73
C MET B 201 -28.57 32.91 -2.58
N GLY B 202 -27.92 33.75 -3.38
CA GLY B 202 -26.47 33.79 -3.42
C GLY B 202 -25.79 34.15 -2.11
N SER B 203 -26.44 34.97 -1.29
CA SER B 203 -25.88 35.37 0.00
C SER B 203 -25.84 34.20 0.99
N ASP B 204 -26.77 33.26 0.87
CA ASP B 204 -26.73 32.00 1.66
C ASP B 204 -25.48 31.16 1.35
N PHE B 205 -25.15 31.03 0.07
CA PHE B 205 -23.95 30.29 -0.36
C PHE B 205 -22.66 30.96 0.12
N TYR B 206 -22.64 32.29 0.12
CA TYR B 206 -21.54 33.04 0.72
C TYR B 206 -21.46 32.81 2.25
N THR B 207 -22.61 32.86 2.91
CA THR B 207 -22.70 32.69 4.37
C THR B 207 -22.13 31.35 4.86
N LEU B 208 -22.41 30.28 4.12
CA LEU B 208 -21.85 28.95 4.44
C LEU B 208 -20.33 29.00 4.52
N ALA B 209 -19.69 29.59 3.50
CA ALA B 209 -18.25 29.70 3.46
C ALA B 209 -17.74 30.62 4.57
N ARG B 210 -18.32 31.80 4.67
CA ARG B 210 -17.81 32.84 5.56
C ARG B 210 -18.11 32.58 7.03
N PHE B 211 -19.28 32.00 7.33
CA PHE B 211 -19.77 31.82 8.71
C PHE B 211 -20.19 30.39 9.10
N GLY B 212 -19.88 29.40 8.26
CA GLY B 212 -20.25 27.99 8.54
C GLY B 212 -19.60 27.36 9.77
N HIS B 213 -18.39 27.80 10.08
CA HIS B 213 -17.69 27.38 11.31
C HIS B 213 -18.48 27.65 12.61
N ASP B 214 -19.23 28.76 12.63
CA ASP B 214 -20.04 29.15 13.81
C ASP B 214 -21.45 28.55 13.69
N ILE B 215 -21.55 27.27 14.01
CA ILE B 215 -22.78 26.50 13.85
C ILE B 215 -23.92 26.98 14.77
N ALA B 216 -23.57 27.49 15.95
CA ALA B 216 -24.55 28.08 16.86
C ALA B 216 -25.44 29.14 16.20
N ASN B 217 -24.82 30.02 15.42
CA ASN B 217 -25.47 31.16 14.79
C ASN B 217 -25.79 31.01 13.30
N LEU B 218 -25.45 29.86 12.71
CA LEU B 218 -25.59 29.69 11.26
C LEU B 218 -27.04 29.88 10.78
N LEU B 219 -28.00 29.32 11.50
CA LEU B 219 -29.41 29.40 11.09
C LEU B 219 -29.90 30.86 11.06
N GLY B 220 -29.58 31.61 12.10
CA GLY B 220 -29.91 33.04 12.18
C GLY B 220 -29.29 33.95 11.13
N ARG B 221 -28.16 33.53 10.53
CA ARG B 221 -27.53 34.26 9.43
C ARG B 221 -28.11 33.96 8.05
N LEU B 222 -28.97 32.96 7.92
CA LEU B 222 -29.46 32.52 6.61
C LEU B 222 -30.75 33.24 6.26
N SER B 223 -31.09 33.23 4.97
CA SER B 223 -32.32 33.84 4.47
C SER B 223 -33.57 33.22 5.10
N GLU B 224 -34.68 33.96 5.06
CA GLU B 224 -35.96 33.43 5.53
C GLU B 224 -36.39 32.18 4.74
N ASN B 225 -36.06 32.15 3.45
CA ASN B 225 -36.32 31.00 2.58
C ASN B 225 -35.64 29.73 3.12
N ALA B 226 -34.35 29.83 3.44
CA ALA B 226 -33.59 28.72 4.05
C ALA B 226 -34.08 28.40 5.47
N GLN B 227 -34.27 29.41 6.30
CA GLN B 227 -34.73 29.23 7.68
C GLN B 227 -36.06 28.47 7.84
N GLN B 228 -36.93 28.55 6.83
CA GLN B 228 -38.20 27.82 6.85
C GLN B 228 -38.08 26.39 6.36
N ASP B 229 -37.03 26.09 5.58
CA ASP B 229 -36.81 24.74 5.05
C ASP B 229 -36.48 23.75 6.16
N THR B 230 -37.35 22.77 6.32
CA THR B 230 -37.27 21.77 7.39
C THR B 230 -35.94 20.95 7.43
N LYS B 231 -35.40 20.60 6.27
CA LYS B 231 -34.20 19.76 6.19
C LYS B 231 -32.92 20.52 6.59
N ILE B 232 -32.81 21.79 6.19
CA ILE B 232 -31.72 22.66 6.65
C ILE B 232 -31.71 22.81 8.18
N VAL B 233 -32.89 23.01 8.76
CA VAL B 233 -33.02 23.24 10.20
C VAL B 233 -32.60 22.00 11.00
N THR B 234 -33.05 20.82 10.57
CA THR B 234 -32.64 19.55 11.18
C THR B 234 -31.13 19.31 11.07
N ALA B 235 -30.57 19.56 9.88
CA ALA B 235 -29.14 19.37 9.63
C ALA B 235 -28.26 20.21 10.54
N ILE B 236 -28.64 21.49 10.71
CA ILE B 236 -27.91 22.39 11.61
C ILE B 236 -28.05 21.94 13.06
N ASP B 237 -29.24 21.45 13.41
CA ASP B 237 -29.50 20.92 14.76
C ASP B 237 -28.67 19.67 15.04
N GLU B 238 -28.59 18.75 14.07
CA GLU B 238 -27.79 17.53 14.22
C GLU B 238 -26.31 17.84 14.50
N LEU B 239 -25.76 18.80 13.74
CA LEU B 239 -24.38 19.25 13.96
C LEU B 239 -24.18 19.83 15.36
N GLN B 240 -25.14 20.63 15.83
CA GLN B 240 -25.06 21.20 17.17
C GLN B 240 -25.07 20.12 18.25
N ARG B 241 -25.95 19.14 18.11
CA ARG B 241 -26.02 18.01 19.04
C ARG B 241 -24.75 17.17 19.08
N LEU B 242 -24.21 16.84 17.90
CA LEU B 242 -22.97 16.05 17.82
C LEU B 242 -21.77 16.83 18.34
N LYS B 243 -21.65 18.09 17.96
CA LYS B 243 -20.58 18.96 18.47
C LYS B 243 -20.63 19.05 20.01
N ALA B 244 -21.83 19.24 20.55
CA ALA B 244 -22.04 19.35 21.99
C ALA B 244 -21.65 18.07 22.69
N HIS B 245 -22.18 16.96 22.18
CA HIS B 245 -21.89 15.65 22.75
C HIS B 245 -20.40 15.40 22.79
N LEU B 246 -19.73 15.59 21.64
CA LEU B 246 -18.28 15.42 21.55
C LEU B 246 -17.50 16.27 22.55
N GLN B 247 -17.91 17.52 22.73
CA GLN B 247 -17.21 18.43 23.65
C GLN B 247 -17.46 18.10 25.12
N VAL B 248 -18.71 17.84 25.48
CA VAL B 248 -19.07 17.55 26.87
C VAL B 248 -18.57 16.17 27.29
N GLN B 249 -19.08 15.13 26.62
CA GLN B 249 -18.84 13.73 27.01
C GLN B 249 -17.38 13.30 26.83
N TRP B 250 -16.72 13.73 25.76
CA TRP B 250 -15.39 13.26 25.40
C TRP B 250 -14.28 14.31 25.42
N GLN B 251 -14.61 15.54 25.80
CA GLN B 251 -13.64 16.64 25.87
C GLN B 251 -12.82 16.71 24.57
N CYS B 252 -13.55 16.71 23.45
CA CYS B 252 -12.98 16.68 22.12
C CYS B 252 -13.19 18.04 21.43
N ALA B 253 -12.09 18.62 20.93
CA ALA B 253 -12.15 19.84 20.14
C ALA B 253 -12.75 19.55 18.77
N VAL B 254 -13.91 20.13 18.48
CA VAL B 254 -14.61 19.91 17.22
C VAL B 254 -14.63 21.19 16.38
N SER B 255 -14.28 21.06 15.10
CA SER B 255 -14.50 22.13 14.13
C SER B 255 -15.63 21.71 13.20
N ILE B 256 -16.30 22.72 12.62
CA ILE B 256 -17.42 22.51 11.72
C ILE B 256 -17.04 23.09 10.37
N ASP B 257 -17.31 22.35 9.30
CA ASP B 257 -17.16 22.89 7.96
C ASP B 257 -18.28 22.35 7.07
N VAL B 258 -19.33 23.16 6.96
CA VAL B 258 -20.47 22.86 6.11
C VAL B 258 -20.15 22.97 4.62
N THR B 259 -19.03 23.59 4.25
CA THR B 259 -18.56 23.61 2.85
C THR B 259 -17.74 22.38 2.42
N GLU B 260 -17.48 21.45 3.35
CA GLU B 260 -16.84 20.16 3.03
C GLU B 260 -17.87 19.31 2.28
N LEU B 261 -17.66 19.16 0.97
CA LEU B 261 -18.68 18.56 0.11
C LEU B 261 -18.24 17.40 -0.81
N SER B 262 -17.10 16.79 -0.52
CA SER B 262 -16.80 15.49 -1.12
C SER B 262 -17.81 14.52 -0.54
N GLY B 263 -18.36 13.67 -1.39
CA GLY B 263 -19.52 12.87 -1.01
C GLY B 263 -20.84 13.58 -1.26
N TYR B 264 -20.84 14.73 -1.94
CA TYR B 264 -22.07 15.36 -2.40
C TYR B 264 -22.85 14.40 -3.31
N HIS B 265 -22.14 13.79 -4.25
CA HIS B 265 -22.75 12.85 -5.19
C HIS B 265 -23.06 11.48 -4.57
N TYR B 266 -22.29 11.05 -3.56
CA TYR B 266 -22.43 9.71 -2.97
C TYR B 266 -23.28 9.64 -1.68
N HIS B 267 -24.37 10.40 -1.66
CA HIS B 267 -25.50 10.18 -0.74
C HIS B 267 -25.24 10.44 0.77
N THR B 268 -24.19 11.19 1.09
CA THR B 268 -23.87 11.50 2.48
C THR B 268 -24.91 12.48 3.05
N GLY B 269 -25.20 12.37 4.34
CA GLY B 269 -25.76 13.53 5.13
C GLY B 269 -24.66 14.13 6.02
N ILE B 270 -24.64 13.75 7.32
CA ILE B 270 -23.57 14.13 8.22
C ILE B 270 -22.26 13.48 7.77
N VAL B 271 -21.15 14.24 7.85
CA VAL B 271 -19.82 13.70 7.56
C VAL B 271 -18.93 13.94 8.78
N PHE B 272 -18.01 13.00 8.99
CA PHE B 272 -17.12 12.96 10.15
C PHE B 272 -15.71 12.62 9.67
N ASN B 273 -14.73 13.43 10.06
CA ASN B 273 -13.32 13.15 9.76
C ASN B 273 -12.49 13.36 11.03
N GLY B 274 -11.85 12.29 11.50
CA GLY B 274 -10.96 12.35 12.64
C GLY B 274 -9.53 12.42 12.16
N TYR B 275 -8.81 13.43 12.64
CA TYR B 275 -7.43 13.69 12.22
C TYR B 275 -6.50 13.45 13.39
N ILE B 276 -5.43 12.69 13.16
CA ILE B 276 -4.44 12.39 14.20
C ILE B 276 -3.30 13.42 14.08
N ASN B 277 -3.07 14.19 15.15
CA ASN B 277 -2.07 15.28 15.16
C ASN B 277 -2.18 16.23 13.96
N SER B 278 -1.25 16.18 13.00
CA SER B 278 -1.22 17.13 11.88
C SER B 278 -1.21 16.43 10.52
N GLU B 279 -1.67 15.17 10.48
CA GLU B 279 -1.57 14.35 9.27
C GLU B 279 -2.75 14.66 8.35
N THR B 280 -2.45 14.83 7.05
CA THR B 280 -3.44 15.29 6.08
C THR B 280 -4.55 14.27 5.91
N GLN B 281 -4.19 12.99 5.77
CA GLN B 281 -5.15 11.90 5.65
C GLN B 281 -5.88 11.75 6.98
N PRO B 282 -7.23 11.73 6.97
CA PRO B 282 -7.94 11.48 8.23
C PRO B 282 -7.70 10.05 8.72
N LEU B 283 -7.51 9.88 10.02
CA LEU B 283 -7.39 8.54 10.61
C LEU B 283 -8.74 7.83 10.61
N VAL B 284 -9.81 8.58 10.84
CA VAL B 284 -11.17 8.04 10.89
C VAL B 284 -12.07 8.81 9.91
N ARG B 285 -12.87 8.07 9.13
CA ARG B 285 -13.87 8.67 8.24
C ARG B 285 -15.20 7.99 8.51
N GLY B 286 -16.27 8.79 8.61
CA GLY B 286 -17.59 8.26 8.84
C GLY B 286 -18.69 9.22 8.41
N GLY B 287 -19.91 8.72 8.32
CA GLY B 287 -21.03 9.57 7.98
C GLY B 287 -22.36 8.86 7.82
N ARG B 288 -23.39 9.64 7.51
CA ARG B 288 -24.71 9.11 7.22
C ARG B 288 -24.86 8.79 5.75
N PHE B 289 -25.67 7.78 5.45
CA PHE B 289 -26.39 7.68 4.17
C PHE B 289 -27.66 8.55 4.32
N ASP B 290 -28.16 9.10 3.20
CA ASP B 290 -29.31 10.02 3.22
C ASP B 290 -30.59 9.45 2.57
N PRO B 302 -35.72 2.08 1.07
CA PRO B 302 -34.81 3.14 1.52
C PRO B 302 -34.37 2.93 2.97
N ARG B 303 -33.19 2.30 3.16
CA ARG B 303 -32.70 1.90 4.49
C ARG B 303 -31.66 2.84 5.09
N GLN B 304 -31.95 3.35 6.30
CA GLN B 304 -31.02 4.21 7.02
C GLN B 304 -29.72 3.49 7.34
N ALA B 305 -28.63 4.24 7.34
CA ALA B 305 -27.31 3.70 7.61
C ALA B 305 -26.33 4.80 8.01
N THR B 306 -25.55 4.54 9.06
CA THR B 306 -24.46 5.41 9.45
C THR B 306 -23.33 4.59 10.05
N GLY B 307 -22.10 5.06 9.89
CA GLY B 307 -20.95 4.33 10.39
C GLY B 307 -19.61 4.99 10.12
N PHE B 308 -18.55 4.32 10.55
CA PHE B 308 -17.19 4.79 10.33
C PHE B 308 -16.25 3.64 10.00
N SER B 309 -15.03 4.01 9.62
CA SER B 309 -13.92 3.08 9.53
C SER B 309 -12.60 3.82 9.78
N MET B 310 -11.56 3.07 10.14
CA MET B 310 -10.24 3.63 10.36
C MET B 310 -9.16 2.70 9.86
N ASP B 311 -7.96 3.26 9.67
CA ASP B 311 -6.80 2.46 9.29
C ASP B 311 -6.09 2.07 10.58
N VAL B 312 -6.18 0.78 10.93
CA VAL B 312 -5.59 0.27 12.18
C VAL B 312 -4.07 0.35 12.13
N SER B 313 -3.50 0.10 10.95
CA SER B 313 -2.06 0.21 10.70
C SER B 313 -1.48 1.57 11.08
N ARG B 314 -2.24 2.64 10.85
CA ARG B 314 -1.80 3.98 11.21
C ARG B 314 -1.79 4.28 12.71
N LEU B 315 -2.54 3.49 13.49
CA LEU B 315 -2.46 3.57 14.96
C LEU B 315 -1.14 3.03 15.53
N LEU B 316 -0.45 2.15 14.79
CA LEU B 316 0.79 1.51 15.26
C LEU B 316 1.82 2.54 15.73
N ALA B 317 2.05 3.57 14.94
CA ALA B 317 3.01 4.62 15.27
C ALA B 317 2.69 5.42 16.55
N HIS B 318 1.42 5.49 16.92
CA HIS B 318 0.98 6.26 18.09
C HIS B 318 0.55 5.45 19.29
N THR B 319 0.74 4.13 19.25
CA THR B 319 0.42 3.24 20.37
C THR B 319 1.67 2.48 20.75
N GLN B 320 1.79 2.13 22.03
CA GLN B 320 2.99 1.47 22.56
C GLN B 320 2.60 0.33 23.49
N LEU B 321 3.30 -0.78 23.40
CA LEU B 321 3.09 -1.91 24.32
C LEU B 321 4.26 -2.01 25.29
N ASP B 322 4.00 -2.64 26.44
CA ASP B 322 5.07 -3.04 27.36
C ASP B 322 5.99 -3.99 26.60
N ALA B 323 7.29 -3.80 26.73
CA ALA B 323 8.27 -4.68 26.10
C ALA B 323 8.03 -6.13 26.50
N PRO B 324 8.22 -7.07 25.57
CA PRO B 324 7.90 -8.46 25.86
C PRO B 324 8.97 -9.13 26.72
N PHE B 325 8.55 -10.09 27.55
CA PHE B 325 9.49 -10.98 28.22
C PHE B 325 9.79 -12.15 27.31
N ILE B 326 11.02 -12.21 26.80
CA ILE B 326 11.48 -13.30 25.92
C ILE B 326 12.48 -14.16 26.70
N VAL B 327 12.09 -15.41 26.96
CA VAL B 327 12.80 -16.31 27.88
C VAL B 327 13.47 -17.44 27.09
N LEU B 328 14.70 -17.78 27.46
CA LEU B 328 15.39 -18.95 26.91
C LEU B 328 15.72 -19.92 28.03
N ILE B 329 15.28 -21.16 27.89
CA ILE B 329 15.68 -22.22 28.82
C ILE B 329 17.14 -22.59 28.52
N ASP B 330 17.92 -22.84 29.57
CA ASP B 330 19.32 -23.23 29.41
C ASP B 330 19.40 -24.66 28.86
N TYR B 331 20.06 -24.82 27.71
CA TYR B 331 20.11 -26.08 26.98
C TYR B 331 20.79 -27.20 27.79
N ASP B 332 22.00 -26.95 28.26
CA ASP B 332 22.80 -27.96 28.97
C ASP B 332 22.14 -28.38 30.28
N ALA B 333 21.71 -27.40 31.06
CA ALA B 333 20.99 -27.66 32.32
C ALA B 333 19.75 -28.53 32.11
N PHE B 334 19.00 -28.26 31.04
CA PHE B 334 17.79 -29.04 30.73
C PHE B 334 18.10 -30.50 30.36
N ASN B 335 19.15 -30.70 29.57
CA ASN B 335 19.51 -32.05 29.11
C ASN B 335 20.17 -32.92 30.18
N ASN B 336 20.62 -32.33 31.29
CA ASN B 336 21.08 -33.09 32.47
C ASN B 336 19.95 -33.56 33.40
N LEU B 337 18.73 -33.05 33.20
CA LEU B 337 17.60 -33.39 34.07
C LEU B 337 17.12 -34.82 33.85
N ASP B 338 16.70 -35.45 34.95
CA ASP B 338 15.93 -36.69 34.86
C ASP B 338 14.52 -36.37 34.35
N SER B 339 13.78 -37.42 33.98
CA SER B 339 12.43 -37.28 33.43
C SER B 339 11.45 -36.54 34.34
N ALA B 340 11.54 -36.78 35.64
CA ALA B 340 10.66 -36.13 36.64
C ALA B 340 10.90 -34.63 36.72
N GLN B 341 12.17 -34.23 36.70
CA GLN B 341 12.55 -32.81 36.77
C GLN B 341 12.20 -32.04 35.49
N ARG B 342 12.15 -32.73 34.35
CA ARG B 342 11.70 -32.13 33.10
C ARG B 342 10.19 -31.83 33.15
N GLN B 343 9.39 -32.78 33.63
CA GLN B 343 7.95 -32.58 33.81
C GLN B 343 7.65 -31.40 34.73
N LEU B 344 8.45 -31.24 35.80
CA LEU B 344 8.31 -30.08 36.68
C LEU B 344 8.69 -28.77 35.99
N LEU B 345 9.70 -28.81 35.13
CA LEU B 345 10.11 -27.62 34.40
C LEU B 345 9.05 -27.22 33.38
N LEU B 346 8.59 -28.19 32.60
CA LEU B 346 7.56 -27.94 31.60
C LEU B 346 6.26 -27.38 32.21
N GLN B 347 5.91 -27.85 33.40
CA GLN B 347 4.80 -27.29 34.19
C GLN B 347 5.04 -25.83 34.52
N GLN B 348 6.27 -25.49 34.90
CA GLN B 348 6.65 -24.10 35.18
C GLN B 348 6.67 -23.24 33.90
N VAL B 349 7.16 -23.81 32.79
CA VAL B 349 7.17 -23.11 31.50
C VAL B 349 5.75 -22.87 31.02
N ALA B 350 4.91 -23.90 31.08
CA ALA B 350 3.48 -23.78 30.77
C ALA B 350 2.81 -22.64 31.56
N SER B 351 3.20 -22.52 32.83
CA SER B 351 2.74 -21.43 33.68
C SER B 351 3.20 -20.07 33.16
N LEU B 352 4.48 -19.97 32.80
CA LEU B 352 5.04 -18.74 32.23
C LEU B 352 4.32 -18.33 30.94
N ARG B 353 4.07 -19.32 30.08
CA ARG B 353 3.40 -19.06 28.80
C ARG B 353 1.96 -18.58 28.97
N GLN B 354 1.25 -19.12 29.96
CA GLN B 354 -0.11 -18.68 30.28
C GLN B 354 -0.14 -17.23 30.82
N GLN B 355 0.98 -16.75 31.37
CA GLN B 355 1.13 -15.34 31.74
C GLN B 355 1.68 -14.46 30.60
N GLY B 356 1.82 -15.01 29.40
CA GLY B 356 2.29 -14.27 28.24
C GLY B 356 3.79 -14.07 28.09
N TYR B 357 4.60 -14.80 28.86
CA TYR B 357 6.05 -14.87 28.61
C TYR B 357 6.26 -15.68 27.34
N ARG B 358 7.27 -15.33 26.56
CA ARG B 358 7.61 -16.06 25.34
C ARG B 358 8.82 -16.94 25.65
N VAL B 359 8.60 -18.26 25.75
CA VAL B 359 9.61 -19.19 26.23
C VAL B 359 10.01 -20.14 25.11
N THR B 360 11.31 -20.28 24.90
CA THR B 360 11.88 -21.17 23.89
C THR B 360 12.57 -22.35 24.56
N MET B 361 12.15 -23.57 24.21
CA MET B 361 12.90 -24.79 24.54
C MET B 361 13.98 -24.99 23.47
N PRO B 362 15.26 -24.74 23.80
CA PRO B 362 16.29 -24.73 22.76
C PRO B 362 16.56 -26.10 22.15
N LEU B 363 16.66 -26.13 20.82
CA LEU B 363 16.98 -27.36 20.09
C LEU B 363 18.45 -27.74 20.18
N THR B 364 19.31 -26.73 20.24
CA THR B 364 20.75 -26.91 20.39
C THR B 364 21.28 -25.91 21.39
N ALA B 365 22.57 -26.06 21.73
CA ALA B 365 23.28 -25.12 22.61
C ALA B 365 23.37 -23.70 22.06
N GLU B 366 23.27 -23.56 20.73
CA GLU B 366 23.39 -22.26 20.06
C GLU B 366 22.03 -21.57 19.83
N ASP B 367 20.94 -22.28 20.06
CA ASP B 367 19.57 -21.79 19.80
C ASP B 367 19.24 -20.54 20.64
N MET B 368 19.16 -19.40 19.95
CA MET B 368 19.11 -18.07 20.56
C MET B 368 17.93 -17.26 19.99
N PRO B 369 16.87 -17.04 20.80
CA PRO B 369 15.78 -16.18 20.37
C PRO B 369 16.18 -14.74 20.07
N VAL B 370 15.40 -14.10 19.20
CA VAL B 370 15.61 -12.71 18.85
C VAL B 370 15.06 -11.87 20.00
N GLY B 371 15.90 -10.95 20.49
CA GLY B 371 15.50 -10.02 21.56
C GLY B 371 15.43 -10.64 22.93
N LEU B 372 16.37 -11.54 23.23
CA LEU B 372 16.38 -12.28 24.50
C LEU B 372 16.52 -11.34 25.69
N THR B 373 15.56 -11.42 26.62
CA THR B 373 15.56 -10.58 27.81
C THR B 373 15.92 -11.34 29.09
N HIS B 374 15.50 -12.60 29.20
CA HIS B 374 15.75 -13.43 30.38
C HIS B 374 16.22 -14.83 30.01
N ARG B 375 16.92 -15.48 30.94
CA ARG B 375 17.26 -16.91 30.83
C ARG B 375 16.64 -17.64 32.01
N LEU B 376 16.04 -18.80 31.74
CA LEU B 376 15.52 -19.66 32.80
C LEU B 376 16.64 -20.64 33.15
N SER B 377 17.32 -20.37 34.26
CA SER B 377 18.55 -21.06 34.67
C SER B 377 18.35 -21.91 35.91
N LEU B 378 19.23 -22.90 36.09
CA LEU B 378 19.22 -23.76 37.27
C LEU B 378 20.30 -23.36 38.27
N ALA B 379 19.89 -23.10 39.52
CA ALA B 379 20.81 -22.86 40.65
C ALA B 379 20.11 -23.31 41.93
N ASP B 380 20.89 -23.86 42.88
CA ASP B 380 20.37 -24.41 44.15
C ASP B 380 19.05 -25.21 43.99
N ASN B 381 19.01 -26.09 42.99
CA ASN B 381 17.82 -26.88 42.63
C ASN B 381 16.53 -26.05 42.46
N GLN B 382 16.69 -24.86 41.87
CA GLN B 382 15.59 -23.92 41.62
C GLN B 382 15.77 -23.29 40.24
N TRP B 383 14.77 -23.45 39.37
CA TRP B 383 14.76 -22.77 38.08
C TRP B 383 14.22 -21.34 38.26
N ARG B 384 15.03 -20.35 37.86
CA ARG B 384 14.70 -18.94 38.05
C ARG B 384 15.03 -18.12 36.82
N LEU B 385 14.22 -17.07 36.62
CA LEU B 385 14.47 -16.09 35.56
C LEU B 385 15.56 -15.13 35.99
N HIS B 386 16.54 -14.91 35.13
CA HIS B 386 17.59 -13.91 35.38
C HIS B 386 17.79 -13.15 34.08
N ALA B 387 17.84 -11.82 34.16
CA ALA B 387 18.00 -10.98 32.99
C ALA B 387 19.40 -11.10 32.43
N VAL B 388 19.53 -10.98 31.10
CA VAL B 388 20.83 -11.04 30.42
C VAL B 388 21.63 -9.76 30.62
N GLU C 21 10.69 13.71 -46.56
CA GLU C 21 11.72 13.14 -45.64
C GLU C 21 13.13 13.71 -45.90
N PHE C 22 13.98 13.62 -44.88
CA PHE C 22 15.37 14.11 -44.91
C PHE C 22 16.29 12.94 -45.29
N LEU C 23 17.11 13.11 -46.33
CA LEU C 23 17.94 12.02 -46.84
C LEU C 23 19.18 11.73 -45.98
N GLY C 24 19.76 12.78 -45.40
CA GLY C 24 20.95 12.66 -44.57
C GLY C 24 20.70 12.27 -43.12
N LEU C 25 21.57 12.74 -42.23
CA LEU C 25 21.54 12.37 -40.82
C LEU C 25 20.99 13.50 -39.94
N THR C 26 20.24 13.13 -38.91
CA THR C 26 19.71 14.07 -37.92
C THR C 26 20.33 13.73 -36.57
N LEU C 27 21.26 14.58 -36.11
CA LEU C 27 21.94 14.42 -34.82
C LEU C 27 21.13 15.10 -33.73
N ALA C 28 20.89 14.39 -32.62
CA ALA C 28 20.15 14.94 -31.46
C ALA C 28 21.11 15.32 -30.33
N LEU C 29 21.08 16.59 -29.93
CA LEU C 29 21.91 17.13 -28.84
C LEU C 29 21.04 17.87 -27.82
N SER C 30 21.56 17.99 -26.60
CA SER C 30 20.93 18.83 -25.57
C SER C 30 21.66 20.15 -25.44
N LYS C 31 20.92 21.18 -25.06
CA LYS C 31 21.44 22.53 -24.97
C LYS C 31 22.26 22.62 -23.68
N GLY C 32 23.31 23.42 -23.72
CA GLY C 32 24.14 23.70 -22.54
C GLY C 32 25.34 22.79 -22.59
N ARG C 33 25.54 22.01 -21.55
CA ARG C 33 26.77 21.20 -21.35
C ARG C 33 27.10 20.28 -22.53
N ILE C 34 26.10 19.53 -23.00
CA ILE C 34 26.28 18.52 -24.06
C ILE C 34 26.63 19.17 -25.39
N LEU C 35 25.92 20.23 -25.74
CA LEU C 35 26.21 21.03 -26.94
C LEU C 35 27.64 21.55 -26.95
N GLU C 36 28.06 22.15 -25.83
CA GLU C 36 29.38 22.79 -25.72
C GLU C 36 30.55 21.80 -25.83
N GLU C 37 30.47 20.70 -25.09
CA GLU C 37 31.55 19.72 -25.03
C GLU C 37 31.66 18.85 -26.29
N THR C 38 30.58 18.73 -27.05
CA THR C 38 30.59 18.01 -28.33
C THR C 38 31.14 18.82 -29.52
N MET C 39 31.07 20.16 -29.45
CA MET C 39 31.55 21.06 -30.51
C MET C 39 32.96 20.73 -31.05
N PRO C 40 33.92 20.44 -30.15
CA PRO C 40 35.23 19.90 -30.58
C PRO C 40 35.16 18.67 -31.48
N LEU C 41 34.37 17.67 -31.08
CA LEU C 41 34.25 16.40 -31.82
C LEU C 41 33.56 16.58 -33.16
N LEU C 42 32.50 17.39 -33.15
CA LEU C 42 31.75 17.74 -34.37
C LEU C 42 32.62 18.53 -35.38
N ARG C 43 33.48 19.41 -34.86
CA ARG C 43 34.41 20.19 -35.69
C ARG C 43 35.37 19.25 -36.42
N ALA C 44 36.02 18.37 -35.68
CA ALA C 44 36.94 17.37 -36.25
C ALA C 44 36.26 16.47 -37.27
N ALA C 45 34.97 16.20 -37.08
CA ALA C 45 34.17 15.43 -38.05
C ALA C 45 33.59 16.24 -39.22
N GLY C 46 33.86 17.54 -39.28
CA GLY C 46 33.37 18.40 -40.36
C GLY C 46 31.89 18.67 -40.28
N VAL C 47 31.39 18.89 -39.05
CA VAL C 47 29.96 19.11 -38.80
C VAL C 47 29.81 20.24 -37.76
N GLU C 48 30.36 21.42 -38.07
CA GLU C 48 30.19 22.59 -37.20
C GLU C 48 28.83 23.25 -37.42
N LEU C 49 28.22 23.79 -36.35
CA LEU C 49 26.94 24.52 -36.45
C LEU C 49 27.12 25.89 -37.12
N LEU C 50 26.16 26.29 -37.95
CA LEU C 50 26.21 27.57 -38.66
C LEU C 50 25.85 28.77 -37.78
N GLU C 51 24.88 28.62 -36.87
CA GLU C 51 24.53 29.69 -35.93
C GLU C 51 24.40 29.22 -34.48
N ASP C 52 24.47 30.18 -33.56
CA ASP C 52 24.36 29.93 -32.12
C ASP C 52 22.90 29.66 -31.75
N PRO C 53 22.58 28.45 -31.24
CA PRO C 53 21.18 28.13 -30.89
C PRO C 53 20.59 28.98 -29.77
N GLU C 54 21.43 29.48 -28.86
CA GLU C 54 20.97 30.37 -27.79
C GLU C 54 20.49 31.75 -28.28
N ALA C 55 20.94 32.16 -29.47
CA ALA C 55 20.48 33.42 -30.08
C ALA C 55 19.31 33.21 -31.04
N SER C 56 18.39 32.32 -30.68
CA SER C 56 17.32 31.87 -31.58
C SER C 56 16.27 31.05 -30.83
N ARG C 57 15.05 31.05 -31.37
CA ARG C 57 13.96 30.20 -30.88
C ARG C 57 13.80 28.91 -31.71
N LYS C 58 14.58 28.77 -32.78
CA LYS C 58 14.58 27.57 -33.60
C LYS C 58 15.19 26.41 -32.82
N LEU C 59 14.63 25.21 -33.00
CA LEU C 59 15.11 23.99 -32.34
C LEU C 59 15.75 23.00 -33.32
N ILE C 60 15.88 23.40 -34.59
CA ILE C 60 16.48 22.57 -35.64
C ILE C 60 17.43 23.44 -36.48
N PHE C 61 18.66 22.96 -36.69
CA PHE C 61 19.72 23.77 -37.29
C PHE C 61 20.51 23.02 -38.37
N PRO C 62 20.92 23.74 -39.42
CA PRO C 62 21.87 23.17 -40.37
C PRO C 62 23.30 23.19 -39.82
N THR C 63 24.19 22.53 -40.55
CA THR C 63 25.62 22.43 -40.20
C THR C 63 26.46 22.71 -41.45
N SER C 64 27.78 22.69 -41.29
CA SER C 64 28.72 22.83 -42.42
C SER C 64 28.56 21.69 -43.43
N ASN C 65 28.39 20.47 -42.92
CA ASN C 65 28.03 19.32 -43.79
C ASN C 65 26.53 19.45 -44.17
N PRO C 66 26.20 19.49 -45.48
CA PRO C 66 24.79 19.58 -45.86
C PRO C 66 23.94 18.30 -45.63
N ASN C 67 24.59 17.16 -45.37
CA ASN C 67 23.88 15.92 -45.03
C ASN C 67 23.42 15.86 -43.56
N VAL C 68 24.24 16.41 -42.64
CA VAL C 68 23.90 16.41 -41.23
C VAL C 68 23.10 17.67 -40.86
N ARG C 69 22.14 17.51 -39.95
CA ARG C 69 21.47 18.64 -39.26
C ARG C 69 21.34 18.28 -37.78
N VAL C 70 21.27 19.29 -36.91
CA VAL C 70 21.23 19.07 -35.46
C VAL C 70 19.85 19.42 -34.88
N LEU C 71 19.42 18.63 -33.90
CA LEU C 71 18.23 18.94 -33.09
C LEU C 71 18.68 19.35 -31.70
N ILE C 72 18.11 20.42 -31.17
CA ILE C 72 18.36 20.87 -29.80
C ILE C 72 17.18 20.44 -28.92
N LEU C 73 17.44 19.50 -28.02
CA LEU C 73 16.42 18.90 -27.15
C LEU C 73 16.78 19.11 -25.69
N ARG C 74 15.86 18.73 -24.80
CA ARG C 74 16.21 18.52 -23.39
C ARG C 74 16.88 17.15 -23.31
N ALA C 75 17.86 17.03 -22.43
CA ALA C 75 18.67 15.81 -22.29
C ALA C 75 17.84 14.52 -22.14
N SER C 76 16.71 14.62 -21.46
CA SER C 76 15.82 13.47 -21.24
C SER C 76 15.09 13.01 -22.51
N ASP C 77 14.86 13.92 -23.45
CA ASP C 77 14.22 13.62 -24.76
C ASP C 77 15.12 12.93 -25.79
N VAL C 78 16.44 13.09 -25.67
CA VAL C 78 17.39 12.60 -26.66
C VAL C 78 17.23 11.09 -26.99
N PRO C 79 17.21 10.22 -25.96
CA PRO C 79 16.96 8.80 -26.25
C PRO C 79 15.62 8.52 -26.92
N THR C 80 14.58 9.25 -26.53
CA THR C 80 13.24 9.10 -27.12
C THR C 80 13.23 9.43 -28.61
N TYR C 81 13.81 10.58 -28.96
CA TYR C 81 13.94 11.00 -30.36
C TYR C 81 14.76 10.00 -31.20
N VAL C 82 15.91 9.60 -30.67
CA VAL C 82 16.75 8.62 -31.36
C VAL C 82 16.04 7.26 -31.43
N GLU C 83 15.40 6.84 -30.35
CA GLU C 83 14.69 5.54 -30.29
C GLU C 83 13.64 5.36 -31.39
N HIS C 84 12.78 6.36 -31.56
CA HIS C 84 11.69 6.29 -32.54
C HIS C 84 12.07 6.75 -33.96
N GLY C 85 13.33 7.10 -34.19
CA GLY C 85 13.80 7.48 -35.51
C GLY C 85 13.62 8.94 -35.91
N ALA C 86 13.24 9.78 -34.97
CA ALA C 86 13.14 11.23 -35.22
C ALA C 86 14.53 11.87 -35.36
N ALA C 87 15.52 11.24 -34.73
CA ALA C 87 16.93 11.54 -34.95
C ALA C 87 17.61 10.23 -35.28
N ASP C 88 18.57 10.26 -36.20
CA ASP C 88 19.29 9.06 -36.61
C ASP C 88 20.30 8.65 -35.54
N PHE C 89 20.84 9.63 -34.82
CA PHE C 89 21.80 9.41 -33.73
C PHE C 89 21.85 10.60 -32.77
N GLY C 90 22.54 10.45 -31.65
CA GLY C 90 22.53 11.49 -30.64
C GLY C 90 23.50 11.26 -29.50
N VAL C 91 23.61 12.27 -28.64
CA VAL C 91 24.54 12.23 -27.49
C VAL C 91 23.75 12.39 -26.19
N ALA C 92 23.70 11.32 -25.40
CA ALA C 92 22.93 11.27 -24.16
C ALA C 92 23.76 10.77 -23.00
N GLY C 93 23.52 11.32 -21.81
CA GLY C 93 24.16 10.83 -20.60
C GLY C 93 23.76 9.40 -20.29
N LYS C 94 24.70 8.61 -19.78
CA LYS C 94 24.45 7.22 -19.39
C LYS C 94 23.38 7.12 -18.28
N ASP C 95 23.36 8.10 -17.39
CA ASP C 95 22.30 8.24 -16.37
C ASP C 95 20.89 8.29 -16.98
N VAL C 96 20.74 9.06 -18.07
CA VAL C 96 19.47 9.22 -18.76
C VAL C 96 19.13 7.91 -19.47
N LEU C 97 20.12 7.32 -20.11
CA LEU C 97 19.96 6.02 -20.78
C LEU C 97 19.58 4.89 -19.81
N LEU C 98 20.18 4.89 -18.62
CA LEU C 98 19.83 3.93 -17.57
C LEU C 98 18.40 4.11 -17.10
N GLU C 99 18.02 5.37 -16.82
CA GLU C 99 16.68 5.68 -16.36
C GLU C 99 15.62 5.41 -17.44
N HIS C 100 15.95 5.76 -18.68
CA HIS C 100 15.08 5.53 -19.83
C HIS C 100 14.91 4.02 -20.11
N GLY C 101 15.98 3.25 -19.93
CA GLY C 101 15.95 1.79 -20.12
C GLY C 101 15.77 1.38 -21.58
N ALA C 102 16.33 2.19 -22.49
CA ALA C 102 16.09 2.01 -23.93
C ALA C 102 16.93 0.88 -24.51
N ASN C 103 16.32 -0.30 -24.62
CA ASN C 103 16.90 -1.42 -25.35
C ASN C 103 16.78 -1.29 -26.88
N HIS C 104 16.14 -0.22 -27.36
CA HIS C 104 15.88 0.00 -28.78
C HIS C 104 16.83 1.00 -29.46
N VAL C 105 18.02 1.20 -28.89
CA VAL C 105 19.07 1.98 -29.54
C VAL C 105 20.40 1.27 -29.43
N TYR C 106 21.32 1.60 -30.33
CA TYR C 106 22.69 1.11 -30.29
C TYR C 106 23.57 2.15 -29.61
N GLU C 107 24.22 1.76 -28.52
CA GLU C 107 25.13 2.61 -27.74
C GLU C 107 26.56 2.27 -28.16
N LEU C 108 27.09 3.03 -29.13
CA LEU C 108 28.30 2.65 -29.88
C LEU C 108 29.60 3.10 -29.22
N LEU C 109 29.65 4.37 -28.78
CA LEU C 109 30.88 4.98 -28.24
C LEU C 109 30.66 5.58 -26.85
N ASP C 110 31.66 5.45 -26.00
CA ASP C 110 31.78 6.27 -24.80
C ASP C 110 32.61 7.48 -25.19
N LEU C 111 31.96 8.63 -25.30
CA LEU C 111 32.63 9.86 -25.69
C LEU C 111 33.51 10.48 -24.58
N LYS C 112 33.38 10.01 -23.35
CA LYS C 112 34.20 10.49 -22.22
C LYS C 112 34.03 11.99 -21.95
N ILE C 113 32.83 12.52 -22.21
CA ILE C 113 32.50 13.92 -21.93
C ILE C 113 31.29 13.98 -21.01
N ALA C 114 31.07 15.15 -20.42
CA ALA C 114 30.04 15.36 -19.39
C ALA C 114 30.14 14.30 -18.29
N GLN C 115 31.36 14.10 -17.80
CA GLN C 115 31.64 13.08 -16.81
C GLN C 115 31.17 13.53 -15.43
N CYS C 116 30.44 12.65 -14.76
CA CYS C 116 29.88 12.89 -13.44
C CYS C 116 29.55 11.52 -12.87
N LYS C 117 28.86 11.44 -11.74
CA LYS C 117 28.52 10.13 -11.20
C LYS C 117 27.17 10.13 -10.47
N LEU C 118 26.35 9.13 -10.76
CA LEU C 118 25.14 8.85 -10.00
C LEU C 118 25.53 8.35 -8.62
N MET C 119 24.98 8.98 -7.58
CA MET C 119 25.15 8.48 -6.22
C MET C 119 24.06 8.93 -5.27
N THR C 120 24.05 8.29 -4.10
CA THR C 120 23.14 8.65 -3.02
C THR C 120 23.73 9.79 -2.20
N ALA C 121 22.84 10.50 -1.50
CA ALA C 121 23.23 11.61 -0.65
C ALA C 121 22.14 11.94 0.36
N GLY C 122 22.53 12.11 1.62
CA GLY C 122 21.63 12.52 2.70
C GLY C 122 22.07 13.83 3.30
N VAL C 123 21.52 14.15 4.46
CA VAL C 123 21.90 15.36 5.19
C VAL C 123 23.26 15.13 5.85
N LYS C 124 24.06 16.19 5.95
CA LYS C 124 25.39 16.15 6.55
C LYS C 124 25.30 15.70 8.02
N ASP C 125 25.98 14.58 8.32
CA ASP C 125 26.07 13.98 9.67
C ASP C 125 24.78 13.31 10.21
N ALA C 126 23.72 13.26 9.41
CA ALA C 126 22.47 12.63 9.86
C ALA C 126 22.60 11.09 9.84
N PRO C 127 22.01 10.41 10.83
CA PRO C 127 21.96 8.95 10.78
C PRO C 127 20.76 8.48 9.95
N LEU C 128 20.85 7.27 9.39
CA LEU C 128 19.75 6.68 8.63
C LEU C 128 18.60 6.31 9.56
N PRO C 129 17.36 6.79 9.28
CA PRO C 129 16.22 6.38 10.11
C PRO C 129 16.01 4.87 10.07
N ASN C 130 15.78 4.25 11.24
CA ASN C 130 15.62 2.80 11.34
C ASN C 130 14.18 2.38 10.98
N ARG C 131 13.91 2.43 9.68
CA ARG C 131 12.62 2.02 9.09
C ARG C 131 12.80 1.94 7.56
N ARG C 132 11.72 1.89 6.79
CA ARG C 132 11.84 1.96 5.33
C ARG C 132 12.33 3.34 4.91
N LEU C 133 13.39 3.38 4.10
CA LEU C 133 13.97 4.64 3.62
C LEU C 133 13.15 5.25 2.49
N ARG C 134 12.92 6.56 2.58
CA ARG C 134 12.29 7.32 1.50
C ARG C 134 13.36 7.94 0.63
N ILE C 135 13.33 7.63 -0.67
CA ILE C 135 14.27 8.19 -1.64
C ILE C 135 13.54 9.20 -2.51
N ALA C 136 13.99 10.45 -2.48
CA ALA C 136 13.55 11.46 -3.45
C ALA C 136 14.51 11.42 -4.62
N THR C 137 14.00 11.20 -5.83
CA THR C 137 14.85 11.16 -7.03
C THR C 137 14.12 11.36 -8.36
N LYS C 138 14.84 11.99 -9.28
CA LYS C 138 14.49 11.98 -10.70
C LYS C 138 14.69 10.58 -11.30
N TYR C 139 15.72 9.88 -10.84
CA TYR C 139 16.13 8.60 -11.41
C TYR C 139 15.45 7.45 -10.67
N VAL C 140 14.16 7.28 -10.95
CA VAL C 140 13.30 6.35 -10.21
C VAL C 140 13.70 4.87 -10.40
N ASN C 141 13.79 4.43 -11.65
CA ASN C 141 14.22 3.07 -11.98
C ASN C 141 15.60 2.69 -11.45
N VAL C 142 16.55 3.63 -11.59
CA VAL C 142 17.93 3.45 -11.12
C VAL C 142 17.95 3.26 -9.59
N ALA C 143 17.26 4.15 -8.89
CA ALA C 143 17.14 4.11 -7.43
C ALA C 143 16.65 2.75 -6.94
N ARG C 144 15.54 2.28 -7.49
CA ARG C 144 14.96 0.98 -7.09
C ARG C 144 15.93 -0.16 -7.37
N ALA C 145 16.41 -0.20 -8.61
CA ALA C 145 17.38 -1.22 -9.02
C ALA C 145 18.63 -1.21 -8.13
N TYR C 146 19.12 -0.01 -7.81
CA TYR C 146 20.32 0.13 -6.98
C TYR C 146 20.10 -0.46 -5.60
N PHE C 147 19.09 0.06 -4.89
CA PHE C 147 18.82 -0.35 -3.51
C PHE C 147 18.43 -1.82 -3.38
N ALA C 148 17.70 -2.33 -4.38
CA ALA C 148 17.37 -3.75 -4.46
C ALA C 148 18.61 -4.65 -4.60
N SER C 149 19.60 -4.18 -5.35
CA SER C 149 20.87 -4.92 -5.52
C SER C 149 21.72 -4.92 -4.24
N GLN C 150 21.44 -3.97 -3.34
CA GLN C 150 21.97 -4.01 -1.96
C GLN C 150 20.98 -4.79 -1.10
N GLY C 151 21.14 -4.77 0.23
CA GLY C 151 20.11 -5.31 1.13
C GLY C 151 18.83 -4.49 1.21
N GLN C 152 18.76 -3.32 0.56
CA GLN C 152 17.88 -2.25 1.02
C GLN C 152 16.47 -2.28 0.42
N GLN C 153 15.49 -2.07 1.29
CA GLN C 153 14.10 -1.90 0.91
C GLN C 153 13.81 -0.40 0.98
N VAL C 154 13.21 0.18 -0.08
CA VAL C 154 12.95 1.61 -0.11
C VAL C 154 11.58 1.94 -0.67
N ASP C 155 11.16 3.18 -0.41
CA ASP C 155 10.06 3.83 -1.09
C ASP C 155 10.68 4.98 -1.87
N VAL C 156 10.17 5.20 -3.09
CA VAL C 156 10.68 6.25 -3.98
C VAL C 156 9.57 7.25 -4.33
N ILE C 157 9.88 8.55 -4.22
CA ILE C 157 9.03 9.58 -4.83
C ILE C 157 9.73 10.12 -6.07
N LYS C 158 8.94 10.31 -7.12
CA LYS C 158 9.37 10.97 -8.34
C LYS C 158 9.46 12.47 -8.11
N LEU C 159 10.60 13.06 -8.43
CA LEU C 159 10.75 14.51 -8.54
C LEU C 159 11.50 14.83 -9.83
N TYR C 160 11.43 16.08 -10.29
CA TYR C 160 12.00 16.46 -11.60
C TYR C 160 13.29 17.26 -11.55
N GLY C 161 13.50 18.03 -10.48
CA GLY C 161 14.75 18.77 -10.31
C GLY C 161 14.95 19.27 -8.91
N SER C 162 16.05 20.01 -8.71
CA SER C 162 16.43 20.56 -7.41
C SER C 162 16.32 19.48 -6.32
N MET C 163 16.99 18.35 -6.56
CA MET C 163 16.92 17.19 -5.67
C MET C 163 17.57 17.44 -4.31
N GLU C 164 18.60 18.26 -4.27
CA GLU C 164 19.40 18.49 -3.06
C GLU C 164 18.59 19.14 -1.92
N LEU C 165 17.50 19.78 -2.29
CA LEU C 165 16.58 20.37 -1.34
C LEU C 165 15.66 19.35 -0.64
N ALA C 166 15.41 18.20 -1.25
CA ALA C 166 14.40 17.24 -0.74
C ALA C 166 14.61 16.73 0.71
N PRO C 167 15.86 16.35 1.07
CA PRO C 167 16.11 15.93 2.45
C PRO C 167 16.05 17.05 3.50
N LEU C 168 16.41 18.28 3.12
CA LEU C 168 16.31 19.44 4.01
C LEU C 168 14.88 19.71 4.50
N VAL C 169 13.90 19.51 3.64
CA VAL C 169 12.49 19.81 3.96
C VAL C 169 11.64 18.55 4.20
N GLY C 170 12.29 17.42 4.51
CA GLY C 170 11.61 16.21 4.96
C GLY C 170 11.01 15.31 3.89
N LEU C 171 11.26 15.63 2.62
CA LEU C 171 10.61 14.92 1.51
C LEU C 171 11.33 13.61 1.15
N GLY C 172 12.48 13.35 1.76
CA GLY C 172 13.17 12.06 1.61
C GLY C 172 14.36 11.97 2.55
N ASP C 173 14.77 10.75 2.89
CA ASP C 173 15.95 10.55 3.74
C ASP C 173 17.20 10.79 2.91
N LEU C 174 17.30 10.04 1.82
CA LEU C 174 18.38 10.16 0.85
C LEU C 174 17.83 10.67 -0.48
N ILE C 175 18.75 11.09 -1.35
CA ILE C 175 18.45 11.35 -2.74
C ILE C 175 19.31 10.46 -3.63
N VAL C 176 18.94 10.39 -4.91
CA VAL C 176 19.75 9.76 -5.96
C VAL C 176 19.88 10.81 -7.05
N ASP C 177 21.10 11.28 -7.27
CA ASP C 177 21.34 12.39 -8.19
C ASP C 177 22.76 12.31 -8.74
N VAL C 178 22.99 13.00 -9.85
CA VAL C 178 24.36 13.13 -10.37
C VAL C 178 25.12 14.16 -9.54
N VAL C 179 26.40 13.88 -9.32
CA VAL C 179 27.31 14.82 -8.66
C VAL C 179 28.68 14.70 -9.31
N ASP C 180 29.31 15.86 -9.55
CA ASP C 180 30.64 15.95 -10.11
C ASP C 180 31.58 16.46 -9.03
N THR C 181 31.56 17.76 -8.74
CA THR C 181 32.45 18.37 -7.75
C THR C 181 31.95 18.14 -6.33
N GLY C 182 30.63 18.12 -6.16
CA GLY C 182 29.99 18.06 -4.85
C GLY C 182 29.52 19.42 -4.35
N ASN C 183 29.77 20.48 -5.12
CA ASN C 183 29.44 21.85 -4.70
C ASN C 183 27.95 22.03 -4.43
N THR C 184 27.10 21.42 -5.25
CA THR C 184 25.65 21.50 -5.07
C THR C 184 25.19 20.73 -3.83
N LEU C 185 25.79 19.56 -3.58
CA LEU C 185 25.49 18.79 -2.36
C LEU C 185 25.86 19.61 -1.12
N ARG C 186 27.10 20.08 -1.09
CA ARG C 186 27.63 20.84 0.05
C ARG C 186 26.92 22.19 0.27
N ALA C 187 26.61 22.88 -0.82
CA ALA C 187 25.86 24.15 -0.74
C ALA C 187 24.44 24.02 -0.19
N ASN C 188 23.87 22.81 -0.25
CA ASN C 188 22.54 22.55 0.30
C ASN C 188 22.59 21.62 1.54
N GLY C 189 23.71 21.64 2.26
CA GLY C 189 23.85 20.92 3.52
C GLY C 189 23.83 19.40 3.44
N LEU C 190 24.19 18.86 2.28
CA LEU C 190 24.20 17.42 2.05
C LEU C 190 25.63 16.90 1.82
N GLU C 191 25.80 15.59 1.98
CA GLU C 191 27.03 14.90 1.61
C GLU C 191 26.70 13.59 0.88
N ALA C 192 27.57 13.18 -0.02
CA ALA C 192 27.41 11.91 -0.74
C ALA C 192 27.55 10.72 0.21
N ARG C 193 26.91 9.60 -0.11
CA ARG C 193 26.96 8.39 0.74
C ARG C 193 27.52 7.20 -0.04
N ASP C 194 26.73 6.66 -0.97
CA ASP C 194 27.13 5.48 -1.76
C ASP C 194 27.43 5.92 -3.19
N HIS C 195 28.23 5.13 -3.90
CA HIS C 195 28.51 5.34 -5.32
C HIS C 195 27.73 4.29 -6.12
N ILE C 196 26.82 4.73 -6.98
CA ILE C 196 25.99 3.82 -7.79
C ILE C 196 26.74 3.42 -9.06
N CYS C 197 27.09 4.40 -9.88
CA CYS C 197 27.92 4.16 -11.07
C CYS C 197 28.51 5.46 -11.63
N ASP C 198 29.56 5.32 -12.44
CA ASP C 198 30.12 6.44 -13.21
C ASP C 198 29.25 6.71 -14.43
N VAL C 199 29.24 7.98 -14.84
CA VAL C 199 28.33 8.48 -15.86
C VAL C 199 29.11 9.38 -16.82
N SER C 200 29.01 9.07 -18.10
CA SER C 200 29.52 9.94 -19.17
C SER C 200 28.60 9.82 -20.38
N SER C 201 28.66 10.80 -21.27
CA SER C 201 27.81 10.83 -22.43
C SER C 201 28.23 9.78 -23.46
N ARG C 202 27.24 9.11 -24.03
CA ARG C 202 27.44 8.05 -25.00
C ARG C 202 26.92 8.55 -26.33
N LEU C 203 27.44 7.98 -27.41
CA LEU C 203 26.87 8.21 -28.73
C LEU C 203 25.90 7.07 -29.00
N ILE C 204 24.62 7.41 -29.11
CA ILE C 204 23.57 6.43 -29.38
C ILE C 204 23.10 6.60 -30.82
N VAL C 205 22.74 5.48 -31.46
CA VAL C 205 22.30 5.45 -32.85
C VAL C 205 21.01 4.64 -32.98
N ASN C 206 20.08 5.15 -33.80
CA ASN C 206 18.83 4.47 -34.13
C ASN C 206 19.12 3.18 -34.93
N GLN C 207 18.47 2.10 -34.53
CA GLN C 207 18.81 0.75 -35.05
C GLN C 207 18.59 0.63 -36.54
N VAL C 208 17.48 1.19 -37.02
CA VAL C 208 17.19 1.24 -38.45
C VAL C 208 18.15 2.18 -39.19
N SER C 209 18.51 3.32 -38.58
CA SER C 209 19.47 4.26 -39.17
C SER C 209 20.88 3.68 -39.32
N TYR C 210 21.27 2.85 -38.37
CA TYR C 210 22.55 2.14 -38.43
C TYR C 210 22.60 1.17 -39.62
N LYS C 211 21.45 0.57 -39.95
CA LYS C 211 21.34 -0.33 -41.10
C LYS C 211 21.26 0.42 -42.43
N ARG C 212 20.36 1.41 -42.50
CA ARG C 212 20.07 2.12 -43.75
C ARG C 212 21.07 3.21 -44.14
N LYS C 213 21.63 3.90 -43.15
CA LYS C 213 22.51 5.06 -43.40
C LYS C 213 23.93 4.83 -42.88
N PHE C 214 24.40 3.58 -42.92
CA PHE C 214 25.72 3.22 -42.42
C PHE C 214 26.83 3.98 -43.14
N ALA C 215 26.68 4.13 -44.47
CA ALA C 215 27.64 4.86 -45.30
C ALA C 215 27.81 6.31 -44.84
N LEU C 216 26.71 6.96 -44.46
CA LEU C 216 26.75 8.33 -43.93
C LEU C 216 27.37 8.40 -42.53
N LEU C 217 27.10 7.39 -41.71
CA LEU C 217 27.56 7.36 -40.32
C LEU C 217 29.04 7.04 -40.16
N GLU C 218 29.49 5.94 -40.79
CA GLU C 218 30.85 5.36 -40.56
C GLU C 218 32.01 6.37 -40.55
N PRO C 219 32.06 7.31 -41.54
CA PRO C 219 33.09 8.36 -41.45
C PRO C 219 32.97 9.24 -40.19
N ILE C 220 31.75 9.65 -39.85
CA ILE C 220 31.49 10.53 -38.69
C ILE C 220 31.79 9.81 -37.37
N LEU C 221 31.45 8.53 -37.28
CA LEU C 221 31.75 7.72 -36.10
C LEU C 221 33.24 7.55 -35.88
N ASP C 222 33.98 7.31 -36.97
CA ASP C 222 35.44 7.13 -36.89
C ASP C 222 36.19 8.42 -36.55
N SER C 223 35.65 9.56 -36.96
CA SER C 223 36.16 10.86 -36.50
C SER C 223 35.99 11.04 -34.99
N PHE C 224 34.83 10.66 -34.47
CA PHE C 224 34.58 10.65 -33.01
C PHE C 224 35.51 9.67 -32.30
N LYS C 225 35.63 8.47 -32.88
CA LYS C 225 36.54 7.43 -32.37
C LYS C 225 37.97 7.95 -32.23
N ASN C 226 38.42 8.72 -33.21
CA ASN C 226 39.73 9.39 -33.14
C ASN C 226 39.77 10.49 -32.09
N SER C 227 38.80 11.41 -32.16
CA SER C 227 38.69 12.53 -31.21
C SER C 227 38.79 12.12 -29.73
N ILE C 228 38.31 10.92 -29.40
CA ILE C 228 38.38 10.40 -28.04
C ILE C 228 39.78 9.88 -27.69
N ASN C 229 40.29 8.99 -28.55
CA ASN C 229 41.53 8.25 -28.27
C ASN C 229 42.76 9.14 -28.42
N PHE D 22 12.39 25.22 11.79
CA PHE D 22 11.80 26.43 11.14
C PHE D 22 10.30 26.44 11.33
N LEU D 23 9.75 27.49 11.96
CA LEU D 23 8.32 27.56 12.27
C LEU D 23 7.55 28.64 11.53
N GLY D 24 8.21 29.43 10.66
CA GLY D 24 7.51 30.41 9.80
C GLY D 24 6.87 29.84 8.53
N LEU D 25 6.86 30.63 7.47
CA LEU D 25 6.32 30.20 6.17
C LEU D 25 7.44 29.85 5.18
N THR D 26 7.21 28.80 4.39
CA THR D 26 8.14 28.38 3.33
C THR D 26 7.41 28.54 2.00
N LEU D 27 7.82 29.55 1.23
CA LEU D 27 7.25 29.85 -0.08
C LEU D 27 8.01 29.07 -1.15
N ALA D 28 7.28 28.40 -2.04
CA ALA D 28 7.87 27.63 -3.16
C ALA D 28 7.75 28.41 -4.48
N LEU D 29 8.90 28.68 -5.11
CA LEU D 29 8.98 29.38 -6.40
C LEU D 29 9.82 28.61 -7.40
N SER D 30 9.60 28.86 -8.68
CA SER D 30 10.43 28.31 -9.76
C SER D 30 11.41 29.37 -10.26
N LYS D 31 12.52 28.90 -10.80
CA LYS D 31 13.74 29.72 -10.96
C LYS D 31 13.78 30.95 -11.88
N GLY D 32 13.36 30.85 -13.15
CA GLY D 32 13.41 32.01 -14.06
C GLY D 32 12.23 32.98 -14.02
N ARG D 33 11.30 32.80 -14.96
CA ARG D 33 10.12 33.65 -15.14
C ARG D 33 9.31 33.90 -13.87
N ILE D 34 9.00 32.83 -13.12
CA ILE D 34 8.15 32.91 -11.92
C ILE D 34 8.80 33.72 -10.81
N LEU D 35 10.09 33.44 -10.55
CA LEU D 35 10.89 34.21 -9.58
C LEU D 35 10.90 35.71 -9.92
N GLU D 36 11.17 36.03 -11.18
CA GLU D 36 11.31 37.43 -11.61
C GLU D 36 10.03 38.24 -11.51
N GLU D 37 8.93 37.68 -12.01
CA GLU D 37 7.64 38.39 -12.04
C GLU D 37 6.96 38.50 -10.67
N THR D 38 7.31 37.61 -9.74
CA THR D 38 6.79 37.68 -8.35
C THR D 38 7.52 38.69 -7.45
N MET D 39 8.79 39.01 -7.77
CA MET D 39 9.61 39.96 -6.99
C MET D 39 8.91 41.28 -6.65
N PRO D 40 8.21 41.90 -7.63
CA PRO D 40 7.35 43.06 -7.32
C PRO D 40 6.32 42.84 -6.21
N LEU D 41 5.59 41.71 -6.26
CA LEU D 41 4.54 41.41 -5.29
C LEU D 41 5.10 41.09 -3.92
N LEU D 42 6.21 40.35 -3.90
CA LEU D 42 6.93 40.04 -2.66
C LEU D 42 7.53 41.28 -1.99
N ARG D 43 7.99 42.23 -2.79
CA ARG D 43 8.54 43.50 -2.29
C ARG D 43 7.44 44.29 -1.56
N ALA D 44 6.29 44.46 -2.22
CA ALA D 44 5.12 45.13 -1.63
C ALA D 44 4.64 44.44 -0.34
N ALA D 45 4.80 43.12 -0.27
CA ALA D 45 4.47 42.35 0.93
C ALA D 45 5.57 42.29 2.00
N GLY D 46 6.70 42.96 1.76
CA GLY D 46 7.81 42.99 2.72
C GLY D 46 8.57 41.68 2.82
N VAL D 47 8.78 41.03 1.68
CA VAL D 47 9.45 39.72 1.60
C VAL D 47 10.42 39.73 0.41
N GLU D 48 11.36 40.67 0.42
CA GLU D 48 12.38 40.78 -0.63
C GLU D 48 13.51 39.76 -0.37
N LEU D 49 14.09 39.24 -1.45
CA LEU D 49 15.19 38.25 -1.36
C LEU D 49 16.50 38.91 -0.93
N LEU D 50 17.28 38.23 -0.08
CA LEU D 50 18.56 38.77 0.40
C LEU D 50 19.70 38.64 -0.62
N GLU D 51 19.74 37.52 -1.35
CA GLU D 51 20.74 37.33 -2.45
C GLU D 51 20.10 36.77 -3.72
N ASP D 52 20.82 36.92 -4.82
CA ASP D 52 20.37 36.47 -6.14
C ASP D 52 20.54 34.95 -6.25
N PRO D 53 19.42 34.20 -6.41
CA PRO D 53 19.53 32.73 -6.50
C PRO D 53 20.32 32.19 -7.69
N GLU D 54 20.33 32.94 -8.79
CA GLU D 54 21.10 32.55 -9.98
C GLU D 54 22.62 32.60 -9.76
N ALA D 55 23.08 33.38 -8.78
CA ALA D 55 24.51 33.46 -8.43
C ALA D 55 24.87 32.49 -7.29
N SER D 56 24.29 31.29 -7.30
CA SER D 56 24.41 30.35 -6.20
C SER D 56 23.88 28.97 -6.57
N ARG D 57 24.41 27.94 -5.92
CA ARG D 57 23.92 26.57 -6.05
C ARG D 57 22.99 26.17 -4.90
N LYS D 58 22.81 27.07 -3.92
CA LYS D 58 21.81 26.88 -2.86
C LYS D 58 20.40 26.92 -3.44
N LEU D 59 19.51 26.08 -2.92
CA LEU D 59 18.12 26.00 -3.36
C LEU D 59 17.13 26.50 -2.29
N ILE D 60 17.66 27.04 -1.18
CA ILE D 60 16.83 27.56 -0.07
C ILE D 60 17.41 28.89 0.41
N PHE D 61 16.56 29.92 0.50
CA PHE D 61 17.03 31.30 0.75
C PHE D 61 16.21 32.03 1.80
N PRO D 62 16.87 32.86 2.62
CA PRO D 62 16.14 33.76 3.50
C PRO D 62 15.60 34.99 2.76
N THR D 63 14.77 35.76 3.44
CA THR D 63 14.17 37.00 2.93
C THR D 63 14.30 38.11 3.98
N SER D 64 13.82 39.30 3.64
CA SER D 64 13.80 40.44 4.57
C SER D 64 12.93 40.15 5.79
N ASN D 65 11.77 39.53 5.57
CA ASN D 65 10.93 39.01 6.65
C ASN D 65 11.59 37.76 7.26
N PRO D 66 11.88 37.75 8.58
CA PRO D 66 12.48 36.55 9.17
C PRO D 66 11.54 35.34 9.32
N ASN D 67 10.23 35.52 9.16
CA ASN D 67 9.27 34.39 9.13
C ASN D 67 9.24 33.64 7.79
N VAL D 68 9.38 34.36 6.67
CA VAL D 68 9.31 33.75 5.35
C VAL D 68 10.70 33.31 4.88
N ARG D 69 10.77 32.18 4.17
CA ARG D 69 11.94 31.76 3.38
C ARG D 69 11.45 31.21 2.04
N VAL D 70 12.28 31.26 1.01
CA VAL D 70 11.88 30.79 -0.32
C VAL D 70 12.61 29.50 -0.71
N LEU D 71 11.90 28.62 -1.42
CA LEU D 71 12.48 27.45 -2.07
C LEU D 71 12.51 27.69 -3.59
N ILE D 72 13.63 27.38 -4.22
CA ILE D 72 13.76 27.44 -5.67
C ILE D 72 13.64 26.01 -6.23
N LEU D 73 12.54 25.78 -6.96
CA LEU D 73 12.21 24.47 -7.52
C LEU D 73 12.08 24.55 -9.04
N ARG D 74 11.92 23.39 -9.66
CA ARG D 74 11.40 23.35 -11.04
C ARG D 74 9.90 23.53 -10.95
N ALA D 75 9.32 24.24 -11.93
CA ALA D 75 7.89 24.59 -11.92
C ALA D 75 6.96 23.40 -11.69
N SER D 76 7.33 22.23 -12.20
CA SER D 76 6.53 21.01 -12.04
C SER D 76 6.52 20.45 -10.61
N ASP D 77 7.58 20.71 -9.85
CA ASP D 77 7.68 20.30 -8.43
C ASP D 77 6.88 21.13 -7.43
N VAL D 78 6.57 22.39 -7.78
CA VAL D 78 5.94 23.34 -6.85
C VAL D 78 4.64 22.79 -6.23
N PRO D 79 3.69 22.30 -7.05
CA PRO D 79 2.48 21.70 -6.45
C PRO D 79 2.77 20.52 -5.52
N THR D 80 3.73 19.68 -5.88
CA THR D 80 4.12 18.51 -5.07
C THR D 80 4.65 18.93 -3.71
N TYR D 81 5.59 19.88 -3.69
CA TYR D 81 6.14 20.43 -2.44
C TYR D 81 5.05 21.06 -1.56
N VAL D 82 4.22 21.90 -2.16
CA VAL D 82 3.13 22.55 -1.43
C VAL D 82 2.09 21.51 -0.97
N GLU D 83 1.77 20.55 -1.83
CA GLU D 83 0.76 19.50 -1.52
C GLU D 83 1.09 18.72 -0.24
N HIS D 84 2.32 18.25 -0.15
CA HIS D 84 2.75 17.40 0.96
C HIS D 84 3.32 18.17 2.15
N GLY D 85 3.26 19.50 2.12
CA GLY D 85 3.66 20.34 3.26
C GLY D 85 5.13 20.69 3.37
N ALA D 86 5.92 20.39 2.35
CA ALA D 86 7.32 20.81 2.31
C ALA D 86 7.47 22.32 2.12
N ALA D 87 6.46 22.91 1.48
CA ALA D 87 6.31 24.36 1.40
C ALA D 87 4.90 24.66 1.90
N ASP D 88 4.74 25.76 2.61
CA ASP D 88 3.42 26.16 3.14
C ASP D 88 2.54 26.73 2.04
N PHE D 89 3.18 27.38 1.06
CA PHE D 89 2.48 27.98 -0.09
C PHE D 89 3.45 28.17 -1.27
N GLY D 90 2.92 28.51 -2.42
CA GLY D 90 3.75 28.60 -3.62
C GLY D 90 3.05 29.22 -4.81
N VAL D 91 3.83 29.45 -5.86
CA VAL D 91 3.35 30.06 -7.09
C VAL D 91 3.58 29.09 -8.26
N ALA D 92 2.49 28.57 -8.81
CA ALA D 92 2.54 27.57 -9.88
C ALA D 92 1.63 27.98 -11.03
N GLY D 93 2.06 27.67 -12.25
CA GLY D 93 1.22 27.89 -13.42
C GLY D 93 -0.02 27.00 -13.38
N LYS D 94 -1.14 27.53 -13.87
CA LYS D 94 -2.40 26.78 -13.94
C LYS D 94 -2.28 25.54 -14.85
N ASP D 95 -1.46 25.64 -15.90
CA ASP D 95 -1.10 24.51 -16.76
C ASP D 95 -0.49 23.34 -15.96
N VAL D 96 0.42 23.66 -15.03
CA VAL D 96 1.07 22.66 -14.19
C VAL D 96 0.06 22.08 -13.21
N LEU D 97 -0.75 22.95 -12.63
CA LEU D 97 -1.83 22.53 -11.71
C LEU D 97 -2.86 21.62 -12.41
N LEU D 98 -3.20 21.94 -13.65
CA LEU D 98 -4.10 21.09 -14.44
C LEU D 98 -3.49 19.72 -14.72
N GLU D 99 -2.23 19.72 -15.16
CA GLU D 99 -1.52 18.47 -15.45
C GLU D 99 -1.29 17.63 -14.19
N HIS D 100 -0.95 18.30 -13.09
CA HIS D 100 -0.76 17.64 -11.80
C HIS D 100 -2.07 17.09 -11.24
N GLY D 101 -3.18 17.80 -11.46
CA GLY D 101 -4.51 17.42 -10.95
C GLY D 101 -4.64 17.46 -9.44
N ALA D 102 -3.95 18.41 -8.80
CA ALA D 102 -3.83 18.46 -7.33
C ALA D 102 -5.09 19.00 -6.66
N ASN D 103 -5.93 18.08 -6.20
CA ASN D 103 -7.10 18.43 -5.37
C ASN D 103 -6.71 18.71 -3.90
N HIS D 104 -5.43 18.53 -3.55
CA HIS D 104 -4.99 18.60 -2.16
C HIS D 104 -4.26 19.92 -1.81
N VAL D 105 -4.54 20.98 -2.57
CA VAL D 105 -4.09 22.32 -2.24
C VAL D 105 -5.22 23.31 -2.42
N TYR D 106 -5.11 24.44 -1.74
CA TYR D 106 -6.04 25.55 -1.89
C TYR D 106 -5.45 26.54 -2.90
N GLU D 107 -6.19 26.81 -3.97
CA GLU D 107 -5.82 27.78 -5.01
C GLU D 107 -6.56 29.09 -4.71
N LEU D 108 -5.89 30.00 -4.01
CA LEU D 108 -6.53 31.19 -3.42
C LEU D 108 -6.65 32.39 -4.37
N LEU D 109 -5.55 32.72 -5.05
CA LEU D 109 -5.46 33.92 -5.89
C LEU D 109 -5.01 33.60 -7.31
N ASP D 110 -5.59 34.31 -8.26
CA ASP D 110 -5.03 34.42 -9.60
C ASP D 110 -4.13 35.66 -9.59
N LEU D 111 -2.82 35.43 -9.62
CA LEU D 111 -1.84 36.51 -9.57
C LEU D 111 -1.72 37.27 -10.89
N LYS D 112 -2.28 36.76 -11.98
CA LYS D 112 -2.26 37.43 -13.28
C LYS D 112 -0.84 37.71 -13.80
N ILE D 113 0.09 36.81 -13.48
CA ILE D 113 1.46 36.88 -13.99
C ILE D 113 1.80 35.57 -14.72
N ALA D 114 2.88 35.61 -15.49
CA ALA D 114 3.26 34.50 -16.38
C ALA D 114 2.08 34.06 -17.24
N GLN D 115 1.42 35.04 -17.85
CA GLN D 115 0.22 34.78 -18.63
C GLN D 115 0.60 34.22 -20.00
N CYS D 116 -0.07 33.13 -20.36
CA CYS D 116 0.17 32.43 -21.63
C CYS D 116 -1.07 31.58 -21.85
N LYS D 117 -1.05 30.68 -22.83
CA LYS D 117 -2.22 29.82 -23.05
C LYS D 117 -1.86 28.44 -23.57
N LEU D 118 -2.44 27.41 -22.96
CA LEU D 118 -2.36 26.04 -23.46
C LEU D 118 -3.14 25.95 -24.75
N MET D 119 -2.50 25.44 -25.81
CA MET D 119 -3.21 25.14 -27.05
C MET D 119 -2.53 24.09 -27.91
N THR D 120 -3.27 23.63 -28.91
CA THR D 120 -2.75 22.70 -29.91
C THR D 120 -2.02 23.46 -31.02
N ALA D 121 -1.15 22.75 -31.71
CA ALA D 121 -0.39 23.32 -32.83
C ALA D 121 0.19 22.21 -33.69
N GLY D 122 0.03 22.35 -35.02
CA GLY D 122 0.60 21.44 -36.00
C GLY D 122 1.57 22.17 -36.90
N VAL D 123 1.92 21.53 -38.01
CA VAL D 123 2.81 22.13 -39.02
C VAL D 123 2.00 23.16 -39.81
N LYS D 124 2.68 24.23 -40.24
CA LYS D 124 2.06 25.31 -41.03
C LYS D 124 1.45 24.76 -42.33
N ASP D 125 0.13 24.94 -42.47
CA ASP D 125 -0.67 24.53 -43.64
C ASP D 125 -0.87 23.01 -43.85
N ALA D 126 -0.38 22.18 -42.93
CA ALA D 126 -0.51 20.73 -43.07
C ALA D 126 -1.94 20.28 -42.73
N PRO D 127 -2.49 19.29 -43.47
CA PRO D 127 -3.81 18.78 -43.14
C PRO D 127 -3.71 17.68 -42.07
N LEU D 128 -4.79 17.49 -41.32
CA LEU D 128 -4.84 16.47 -40.27
C LEU D 128 -4.89 15.09 -40.92
N PRO D 129 -3.98 14.16 -40.55
CA PRO D 129 -4.11 12.79 -41.07
C PRO D 129 -5.42 12.13 -40.66
N ASN D 130 -6.07 11.46 -41.61
CA ASN D 130 -7.41 10.88 -41.39
C ASN D 130 -7.31 9.52 -40.70
N ARG D 131 -6.98 9.57 -39.41
CA ARG D 131 -6.82 8.39 -38.54
C ARG D 131 -6.73 8.87 -37.07
N ARG D 132 -6.29 8.01 -36.16
CA ARG D 132 -6.03 8.43 -34.78
C ARG D 132 -4.85 9.39 -34.74
N LEU D 133 -5.06 10.55 -34.10
CA LEU D 133 -4.03 11.59 -34.02
C LEU D 133 -2.99 11.26 -32.96
N ARG D 134 -1.72 11.45 -33.31
CA ARG D 134 -0.59 11.34 -32.39
C ARG D 134 -0.26 12.71 -31.82
N ILE D 135 -0.34 12.85 -30.50
CA ILE D 135 -0.07 14.12 -29.82
C ILE D 135 1.25 13.98 -29.07
N ALA D 136 2.23 14.82 -29.43
CA ALA D 136 3.45 14.97 -28.66
C ALA D 136 3.22 16.08 -27.63
N THR D 137 3.38 15.78 -26.35
CA THR D 137 3.17 16.78 -25.30
C THR D 137 3.82 16.45 -23.95
N LYS D 138 4.24 17.51 -23.27
CA LYS D 138 4.53 17.47 -21.84
C LYS D 138 3.25 17.27 -21.02
N TYR D 139 2.15 17.88 -21.47
CA TYR D 139 0.91 17.94 -20.71
C TYR D 139 0.01 16.78 -21.12
N VAL D 140 0.36 15.59 -20.62
CA VAL D 140 -0.27 14.35 -21.05
C VAL D 140 -1.75 14.25 -20.65
N ASN D 141 -2.05 14.44 -19.38
CA ASN D 141 -3.43 14.43 -18.86
C ASN D 141 -4.33 15.48 -19.50
N VAL D 142 -3.81 16.70 -19.67
CA VAL D 142 -4.54 17.81 -20.30
C VAL D 142 -4.91 17.47 -21.74
N ALA D 143 -3.92 16.97 -22.50
CA ALA D 143 -4.11 16.56 -23.88
C ALA D 143 -5.26 15.55 -24.02
N ARG D 144 -5.21 14.48 -23.23
CA ARG D 144 -6.26 13.44 -23.28
C ARG D 144 -7.62 14.01 -22.91
N ALA D 145 -7.68 14.69 -21.77
CA ALA D 145 -8.90 15.33 -21.31
C ALA D 145 -9.47 16.31 -22.34
N TYR D 146 -8.58 17.09 -22.97
CA TYR D 146 -9.02 18.06 -23.96
C TYR D 146 -9.67 17.38 -25.16
N PHE D 147 -8.92 16.47 -25.79
CA PHE D 147 -9.39 15.78 -27.00
C PHE D 147 -10.61 14.89 -26.75
N ALA D 148 -10.69 14.28 -25.57
CA ALA D 148 -11.87 13.51 -25.14
C ALA D 148 -13.12 14.39 -25.02
N SER D 149 -12.96 15.63 -24.54
CA SER D 149 -14.07 16.59 -24.45
C SER D 149 -14.54 17.07 -25.84
N GLN D 150 -13.69 16.92 -26.84
CA GLN D 150 -14.08 17.04 -28.26
C GLN D 150 -14.58 15.69 -28.80
N GLY D 151 -14.90 14.71 -27.96
CA GLY D 151 -15.43 13.43 -28.41
C GLY D 151 -14.48 12.50 -29.15
N GLN D 152 -13.19 12.85 -29.16
CA GLN D 152 -12.18 12.25 -30.00
C GLN D 152 -11.16 11.49 -29.15
N GLN D 153 -10.61 10.40 -29.67
CA GLN D 153 -9.54 9.66 -29.02
C GLN D 153 -8.22 9.97 -29.69
N VAL D 154 -7.14 9.93 -28.91
CA VAL D 154 -5.77 10.21 -29.41
C VAL D 154 -4.76 9.23 -28.86
N ASP D 155 -3.58 9.25 -29.46
CA ASP D 155 -2.40 8.54 -28.94
C ASP D 155 -1.39 9.61 -28.53
N VAL D 156 -0.70 9.40 -27.41
CA VAL D 156 0.13 10.41 -26.77
C VAL D 156 1.57 9.93 -26.62
N ILE D 157 2.55 10.76 -26.99
CA ILE D 157 3.94 10.56 -26.53
C ILE D 157 4.23 11.58 -25.44
N LYS D 158 4.81 11.10 -24.34
CA LYS D 158 5.30 11.97 -23.26
C LYS D 158 6.64 12.55 -23.72
N LEU D 159 6.76 13.88 -23.68
CA LEU D 159 8.04 14.57 -23.87
C LEU D 159 8.18 15.62 -22.79
N TYR D 160 9.39 16.13 -22.58
CA TYR D 160 9.68 17.05 -21.46
C TYR D 160 9.91 18.50 -21.87
N GLY D 161 10.40 18.73 -23.08
CA GLY D 161 10.45 20.09 -23.63
C GLY D 161 10.77 20.10 -25.11
N SER D 162 11.05 21.30 -25.62
CA SER D 162 11.24 21.54 -27.07
C SER D 162 10.15 20.81 -27.88
N MET D 163 8.89 21.10 -27.53
CA MET D 163 7.74 20.44 -28.14
C MET D 163 7.54 20.82 -29.61
N GLU D 164 7.92 22.05 -29.96
CA GLU D 164 7.67 22.62 -31.29
C GLU D 164 8.42 21.86 -32.40
N LEU D 165 9.46 21.14 -32.02
CA LEU D 165 10.22 20.29 -32.92
C LEU D 165 9.52 18.96 -33.26
N ALA D 166 8.63 18.47 -32.40
CA ALA D 166 8.06 17.11 -32.56
C ALA D 166 7.31 16.84 -33.88
N PRO D 167 6.44 17.78 -34.33
CA PRO D 167 5.78 17.58 -35.62
C PRO D 167 6.68 17.68 -36.86
N LEU D 168 7.73 18.51 -36.80
CA LEU D 168 8.71 18.62 -37.89
C LEU D 168 9.42 17.30 -38.20
N VAL D 169 9.72 16.51 -37.17
CA VAL D 169 10.47 15.25 -37.35
C VAL D 169 9.59 13.99 -37.20
N GLY D 170 8.28 14.16 -37.36
CA GLY D 170 7.35 13.02 -37.44
C GLY D 170 6.87 12.41 -36.14
N LEU D 171 7.27 12.99 -35.02
CA LEU D 171 7.00 12.39 -33.70
C LEU D 171 5.58 12.68 -33.19
N GLY D 172 4.83 13.53 -33.88
CA GLY D 172 3.41 13.73 -33.61
C GLY D 172 2.77 14.60 -34.67
N ASP D 173 1.45 14.49 -34.82
CA ASP D 173 0.69 15.31 -35.77
C ASP D 173 0.57 16.72 -35.20
N LEU D 174 -0.01 16.80 -34.00
CA LEU D 174 -0.14 18.04 -33.25
C LEU D 174 0.71 17.99 -31.99
N ILE D 175 0.88 19.16 -31.38
CA ILE D 175 1.43 19.26 -30.02
C ILE D 175 0.40 19.93 -29.11
N VAL D 176 0.63 19.80 -27.80
CA VAL D 176 -0.10 20.55 -26.78
C VAL D 176 0.97 21.25 -25.94
N ASP D 177 0.98 22.57 -25.99
CA ASP D 177 2.04 23.34 -25.34
C ASP D 177 1.52 24.73 -25.00
N VAL D 178 2.21 25.41 -24.09
CA VAL D 178 1.92 26.81 -23.81
C VAL D 178 2.48 27.69 -24.93
N VAL D 179 1.74 28.73 -25.28
CA VAL D 179 2.19 29.75 -26.25
C VAL D 179 1.67 31.11 -25.79
N ASP D 180 2.57 32.10 -25.86
CA ASP D 180 2.28 33.48 -25.48
C ASP D 180 2.26 34.32 -26.77
N THR D 181 3.44 34.66 -27.30
CA THR D 181 3.54 35.50 -28.49
C THR D 181 3.30 34.70 -29.77
N GLY D 182 3.73 33.44 -29.77
CA GLY D 182 3.72 32.58 -30.94
C GLY D 182 5.07 32.49 -31.64
N ASN D 183 6.07 33.22 -31.12
CA ASN D 183 7.39 33.29 -31.76
C ASN D 183 8.05 31.93 -31.88
N THR D 184 7.92 31.10 -30.83
CA THR D 184 8.49 29.75 -30.84
C THR D 184 7.77 28.83 -31.82
N LEU D 185 6.44 28.94 -31.91
CA LEU D 185 5.66 28.17 -32.89
C LEU D 185 6.10 28.53 -34.32
N ARG D 186 6.08 29.83 -34.61
CA ARG D 186 6.43 30.33 -35.94
C ARG D 186 7.90 30.08 -36.32
N ALA D 187 8.81 30.25 -35.37
CA ALA D 187 10.24 29.96 -35.58
C ALA D 187 10.56 28.50 -35.89
N ASN D 188 9.66 27.58 -35.52
CA ASN D 188 9.82 26.15 -35.80
C ASN D 188 8.79 25.64 -36.82
N GLY D 189 8.30 26.54 -37.68
CA GLY D 189 7.41 26.17 -38.78
C GLY D 189 6.03 25.65 -38.42
N LEU D 190 5.56 26.03 -37.23
CA LEU D 190 4.25 25.61 -36.72
C LEU D 190 3.30 26.79 -36.60
N GLU D 191 2.01 26.49 -36.53
CA GLU D 191 0.98 27.47 -36.18
C GLU D 191 -0.02 26.86 -35.19
N ALA D 192 -0.60 27.71 -34.34
CA ALA D 192 -1.61 27.27 -33.38
C ALA D 192 -2.89 26.82 -34.09
N ARG D 193 -3.64 25.91 -33.46
CA ARG D 193 -4.89 25.39 -34.04
C ARG D 193 -6.09 25.68 -33.13
N ASP D 194 -6.17 24.94 -32.01
CA ASP D 194 -7.30 25.06 -31.07
C ASP D 194 -6.81 25.77 -29.80
N HIS D 195 -7.73 26.39 -29.07
CA HIS D 195 -7.45 27.01 -27.78
C HIS D 195 -8.03 26.11 -26.69
N ILE D 196 -7.17 25.60 -25.81
CA ILE D 196 -7.60 24.70 -24.73
C ILE D 196 -8.07 25.53 -23.53
N CYS D 197 -7.17 26.35 -22.98
CA CYS D 197 -7.53 27.30 -21.91
C CYS D 197 -6.47 28.38 -21.71
N ASP D 198 -6.86 29.47 -21.05
CA ASP D 198 -5.93 30.51 -20.61
C ASP D 198 -5.20 30.04 -19.35
N VAL D 199 -3.97 30.52 -19.19
CA VAL D 199 -3.03 30.06 -18.18
C VAL D 199 -2.34 31.26 -17.54
N SER D 200 -2.40 31.33 -16.21
CA SER D 200 -1.63 32.29 -15.42
C SER D 200 -1.25 31.65 -14.10
N SER D 201 -0.23 32.19 -13.45
CA SER D 201 0.24 31.65 -12.19
C SER D 201 -0.74 31.92 -11.06
N ARG D 202 -0.94 30.91 -10.22
CA ARG D 202 -1.87 30.98 -9.11
C ARG D 202 -1.05 30.92 -7.84
N LEU D 203 -1.61 31.46 -6.77
CA LEU D 203 -1.04 31.28 -5.45
C LEU D 203 -1.73 30.07 -4.82
N ILE D 204 -0.96 29.00 -4.58
CA ILE D 204 -1.49 27.79 -3.96
C ILE D 204 -0.97 27.70 -2.54
N VAL D 205 -1.80 27.16 -1.64
CA VAL D 205 -1.48 27.04 -0.22
C VAL D 205 -1.80 25.63 0.27
N ASN D 206 -0.89 25.10 1.10
CA ASN D 206 -1.06 23.80 1.76
C ASN D 206 -2.24 23.85 2.74
N GLN D 207 -3.09 22.83 2.69
CA GLN D 207 -4.38 22.86 3.39
C GLN D 207 -4.22 22.96 4.90
N VAL D 208 -3.27 22.20 5.43
CA VAL D 208 -2.92 22.26 6.86
C VAL D 208 -2.26 23.60 7.22
N SER D 209 -1.40 24.13 6.34
CA SER D 209 -0.76 25.44 6.58
C SER D 209 -1.74 26.61 6.58
N TYR D 210 -2.79 26.50 5.77
CA TYR D 210 -3.87 27.49 5.75
C TYR D 210 -4.64 27.52 7.09
N LYS D 211 -4.75 26.35 7.73
CA LYS D 211 -5.40 26.25 9.05
C LYS D 211 -4.46 26.71 10.17
N ARG D 212 -3.24 26.18 10.18
CA ARG D 212 -2.31 26.38 11.31
C ARG D 212 -1.54 27.69 11.29
N LYS D 213 -1.23 28.21 10.11
CA LYS D 213 -0.43 29.44 9.97
C LYS D 213 -1.20 30.58 9.30
N PHE D 214 -2.52 30.63 9.51
CA PHE D 214 -3.37 31.64 8.88
C PHE D 214 -2.94 33.06 9.25
N ALA D 215 -2.59 33.26 10.51
CA ALA D 215 -2.10 34.55 11.01
C ALA D 215 -0.88 35.05 10.25
N LEU D 216 0.05 34.16 9.94
CA LEU D 216 1.23 34.51 9.14
C LEU D 216 0.89 34.78 7.67
N LEU D 217 -0.07 34.05 7.12
CA LEU D 217 -0.46 34.16 5.71
C LEU D 217 -1.29 35.42 5.40
N GLU D 218 -2.38 35.63 6.16
CA GLU D 218 -3.40 36.65 5.84
C GLU D 218 -2.87 38.05 5.45
N PRO D 219 -1.89 38.59 6.20
CA PRO D 219 -1.26 39.85 5.75
C PRO D 219 -0.57 39.74 4.38
N ILE D 220 0.18 38.66 4.16
CA ILE D 220 0.92 38.45 2.91
C ILE D 220 -0.04 38.24 1.72
N LEU D 221 -1.12 37.50 1.94
CA LEU D 221 -2.13 37.28 0.90
C LEU D 221 -2.83 38.59 0.50
N ASP D 222 -3.16 39.42 1.49
CA ASP D 222 -3.84 40.69 1.24
C ASP D 222 -2.95 41.72 0.55
N SER D 223 -1.64 41.67 0.80
CA SER D 223 -0.67 42.47 0.03
C SER D 223 -0.65 42.06 -1.45
N PHE D 224 -0.67 40.74 -1.71
CA PHE D 224 -0.78 40.22 -3.09
C PHE D 224 -2.12 40.64 -3.70
N LYS D 225 -3.19 40.48 -2.94
CA LYS D 225 -4.55 40.86 -3.36
C LYS D 225 -4.61 42.32 -3.80
N ASN D 226 -3.91 43.19 -3.06
CA ASN D 226 -3.77 44.61 -3.46
C ASN D 226 -2.90 44.78 -4.69
N SER D 227 -1.70 44.20 -4.68
CA SER D 227 -0.76 44.26 -5.81
C SER D 227 -1.39 43.90 -7.17
N ILE D 228 -2.37 43.00 -7.18
CA ILE D 228 -3.09 42.60 -8.39
C ILE D 228 -4.12 43.65 -8.82
N ASN D 229 -4.95 44.10 -7.87
CA ASN D 229 -6.12 44.96 -8.18
C ASN D 229 -5.76 46.41 -8.50
C TRS E . -26.04 -18.17 3.29
C1 TRS E . -24.52 -18.43 3.39
C2 TRS E . -26.48 -18.18 1.80
C3 TRS E . -26.42 -16.87 4.03
N TRS E . -26.74 -19.28 4.04
O1 TRS E . -23.99 -18.22 4.72
O2 TRS E . -27.66 -17.39 1.52
O3 TRS E . -25.51 -15.82 3.69
C1 PRP F . 23.70 19.36 -12.36
C2 PRP F . 22.87 18.45 -11.47
C3 PRP F . 23.44 18.69 -10.08
C4 PRP F . 24.81 19.32 -10.30
C5 PRP F . 25.95 18.43 -9.80
O1 PRP F . 23.08 20.63 -12.51
O2 PRP F . 21.46 18.73 -11.58
O3 PRP F . 22.60 19.55 -9.30
O4 PRP F . 24.95 19.54 -11.70
O5 PRP F . 27.22 19.02 -10.05
P PRP F . 28.25 19.43 -8.88
O1P PRP F . 28.40 18.20 -8.03
O2P PRP F . 29.53 19.75 -9.61
O3P PRP F . 27.57 20.61 -8.22
PA PRP F . 23.35 21.55 -13.81
O1A PRP F . 22.81 20.89 -15.05
O2A PRP F . 24.80 21.95 -13.78
O3A PRP F . 22.46 22.85 -13.45
PB PRP F . 20.90 22.83 -13.08
O1B PRP F . 20.21 22.47 -14.37
O2B PRP F . 20.71 21.79 -11.98
O3B PRP F . 20.67 24.26 -12.63
PG ATP G . 17.82 18.53 -17.75
O1G ATP G . 16.78 17.45 -17.96
O2G ATP G . 17.22 19.80 -17.17
O3G ATP G . 18.64 18.78 -18.99
PB ATP G . 20.33 18.48 -16.23
O1B ATP G . 20.90 17.65 -15.12
O2B ATP G . 20.28 19.97 -16.09
O3B ATP G . 18.86 17.98 -16.63
PA ATP G . 22.12 18.90 -18.52
O1A ATP G . 21.50 19.02 -19.88
O2A ATP G . 22.56 20.15 -17.84
O3A ATP G . 21.11 18.11 -17.57
O5' ATP G . 23.33 17.86 -18.57
C5' ATP G . 23.33 16.80 -19.57
C4' ATP G . 24.03 15.58 -19.04
O4' ATP G . 25.32 15.96 -18.48
C3' ATP G . 23.32 14.83 -17.91
O3' ATP G . 22.39 13.92 -18.45
C2' ATP G . 24.49 14.14 -17.20
O2' ATP G . 24.81 12.90 -17.77
C1' ATP G . 25.63 15.14 -17.38
N9 ATP G . 25.87 16.02 -16.22
C8 ATP G . 24.95 16.51 -15.34
N7 ATP G . 25.48 17.26 -14.40
C5 ATP G . 26.84 17.27 -14.70
C6 ATP G . 27.94 17.90 -14.09
N6 ATP G . 27.83 18.67 -13.00
N1 ATP G . 29.16 17.71 -14.64
C2 ATP G . 29.25 16.93 -15.73
N3 ATP G . 28.29 16.28 -16.39
C4 ATP G . 27.09 16.51 -15.82
MG MG H . 11.66 27.41 -19.24
MG MG I . 21.09 21.65 -16.57
C TRS J . 33.42 19.57 -15.18
C1 TRS J . 31.99 20.09 -15.53
C2 TRS J . 33.93 20.03 -13.78
C3 TRS J . 34.46 19.99 -16.23
N TRS J . 33.28 18.07 -15.20
O1 TRS J . 31.57 19.54 -16.81
O2 TRS J . 33.84 21.46 -13.60
O3 TRS J . 34.18 21.34 -16.66
C1 PRP K . 7.71 28.08 -22.95
C2 PRP K . 7.62 26.90 -23.92
C3 PRP K . 7.35 27.53 -25.29
C4 PRP K . 7.55 29.02 -25.12
C5 PRP K . 6.34 29.80 -25.66
O1 PRP K . 8.81 27.96 -22.04
O2 PRP K . 8.80 26.07 -23.89
O3 PRP K . 8.20 27.03 -26.32
O4 PRP K . 7.72 29.28 -23.73
O5 PRP K . 6.60 31.20 -25.72
P PRP K . 6.19 32.10 -27.01
O1P PRP K . 4.83 31.59 -27.45
O2P PRP K . 7.30 31.84 -27.98
O3P PRP K . 6.13 33.50 -26.46
PA PRP K . 10.11 28.93 -21.90
O1A PRP K . 9.79 30.35 -22.28
O2A PRP K . 10.75 28.68 -20.55
O3A PRP K . 11.08 28.33 -23.02
PB PRP K . 12.05 27.10 -22.68
O1B PRP K . 12.54 26.70 -24.05
O2B PRP K . 13.10 27.74 -21.79
O3B PRP K . 11.16 26.07 -22.01
PG ATP L . 10.78 23.64 -17.04
O1G ATP L . 11.07 22.20 -17.37
O2G ATP L . 11.95 24.56 -17.27
O3G ATP L . 10.18 23.81 -15.65
PB ATP L . 8.95 25.54 -18.36
O1B ATP L . 7.47 25.40 -18.34
O2B ATP L . 9.62 26.15 -19.55
O3B ATP L . 9.63 24.12 -18.06
PA ATP L . 9.29 27.91 -16.75
O1A ATP L . 9.94 28.64 -17.87
O2A ATP L . 9.80 28.16 -15.37
O3A ATP L . 9.37 26.35 -17.06
O5' ATP L . 7.71 28.16 -16.80
C5' ATP L . 6.95 28.23 -15.57
C4' ATP L . 5.54 28.68 -15.86
O4' ATP L . 5.57 29.91 -16.62
C3' ATP L . 4.68 27.74 -16.70
O3' ATP L . 4.04 26.76 -15.88
C2' ATP L . 3.66 28.69 -17.33
O2' ATP L . 2.56 28.91 -16.48
C1' ATP L . 4.47 29.98 -17.50
N9 ATP L . 4.99 30.20 -18.85
C8 ATP L . 5.67 29.30 -19.64
N7 ATP L . 6.01 29.80 -20.80
C5 ATP L . 5.53 31.10 -20.78
C6 ATP L . 5.57 32.16 -21.72
N6 ATP L . 6.13 32.05 -22.92
N1 ATP L . 4.99 33.33 -21.37
C2 ATP L . 4.42 33.42 -20.17
N3 ATP L . 4.31 32.50 -19.20
C4 ATP L . 4.90 31.36 -19.58
C TRS M . 6.65 38.39 -21.30
C1 TRS M . 6.21 39.81 -20.98
C2 TRS M . 7.21 37.73 -20.02
C3 TRS M . 7.68 38.41 -22.45
N TRS M . 5.40 37.65 -21.75
O1 TRS M . 5.17 39.78 -19.99
O2 TRS M . 6.57 36.46 -19.69
O3 TRS M . 7.10 38.41 -23.78
#